data_3KWM
#
_entry.id   3KWM
#
_cell.length_a   182.360
_cell.length_b   73.085
_cell.length_c   75.303
_cell.angle_alpha   90.00
_cell.angle_beta   90.00
_cell.angle_gamma   90.00
#
_symmetry.space_group_name_H-M   'P 21 21 2'
#
loop_
_entity.id
_entity.type
_entity.pdbx_description
1 polymer 'Ribose-5-phosphate isomerase A'
2 non-polymer 'SODIUM ION'
3 non-polymer 'PHOSPHATE ION'
4 non-polymer DI(HYDROXYETHYL)ETHER
5 non-polymer D-Glyceraldehyde
6 water water
#
_entity_poly.entity_id   1
_entity_poly.type   'polypeptide(L)'
_entity_poly.pdbx_seq_one_letter_code
;MFFNKKNNQDELKKLAATEAAKSITTEITLGVGTGSTVGFLIEELVNYRDKIKTVVSSSEDSTRKLKALGFDVVDLNYAG
EIDLYIDGADECNNHKELIKGGGAALTREKICVAAAKKFICIIDESKKVNTLGNFPLPIEVIPMARSYIARQIVKLGGQP
VYREQTITDNGNVILDVYNLKIDNPLKLETELNQITGVVTNGIFALKPADTVIMATKDSNIVVL
;
_entity_poly.pdbx_strand_id   A,B,C,D
#
loop_
_chem_comp.id
_chem_comp.type
_chem_comp.name
_chem_comp.formula
3GR D-saccharide D-Glyceraldehyde 'C3 H6 O3'
NA non-polymer 'SODIUM ION' 'Na 1'
PEG non-polymer DI(HYDROXYETHYL)ETHER 'C4 H10 O3'
PO4 non-polymer 'PHOSPHATE ION' 'O4 P -3'
#
# COMPACT_ATOMS: atom_id res chain seq x y z
N ASN A 7 17.88 -2.18 -8.51
CA ASN A 7 17.70 -1.74 -7.10
C ASN A 7 17.94 -2.88 -6.11
N ASN A 8 18.36 -2.52 -4.90
CA ASN A 8 18.68 -3.51 -3.88
C ASN A 8 18.18 -3.11 -2.50
N GLN A 9 17.03 -2.45 -2.46
CA GLN A 9 16.46 -1.97 -1.20
C GLN A 9 16.24 -3.09 -0.19
N ASP A 10 15.81 -4.26 -0.67
CA ASP A 10 15.66 -5.47 0.16
C ASP A 10 16.99 -5.95 0.74
N GLU A 11 18.04 -5.92 -0.09
CA GLU A 11 19.39 -6.28 0.37
C GLU A 11 19.90 -5.29 1.43
N LEU A 12 19.57 -4.01 1.27
CA LEU A 12 19.96 -2.98 2.25
C LEU A 12 19.22 -3.18 3.59
N LYS A 13 17.91 -3.36 3.52
CA LYS A 13 17.11 -3.73 4.69
C LYS A 13 17.69 -4.93 5.46
N LYS A 14 17.96 -6.02 4.73
CA LYS A 14 18.54 -7.23 5.30
C LYS A 14 19.89 -6.95 5.96
N LEU A 15 20.71 -6.09 5.33
CA LEU A 15 22.01 -5.71 5.87
C LEU A 15 21.91 -4.99 7.22
N ALA A 16 21.03 -3.98 7.28
CA ALA A 16 20.79 -3.23 8.51
C ALA A 16 20.25 -4.12 9.65
N ALA A 17 19.35 -5.04 9.30
CA ALA A 17 18.76 -5.98 10.25
C ALA A 17 19.77 -6.96 10.81
N THR A 18 20.59 -7.51 9.91
CA THR A 18 21.68 -8.43 10.28
C THR A 18 22.72 -7.78 11.19
N GLU A 19 23.04 -6.52 10.91
CA GLU A 19 23.97 -5.76 11.75
C GLU A 19 23.38 -5.51 13.16
N ALA A 20 22.12 -5.09 13.23
CA ALA A 20 21.45 -4.82 14.52
C ALA A 20 21.37 -6.04 15.44
N ALA A 21 21.05 -7.19 14.88
CA ALA A 21 20.93 -8.44 15.63
C ALA A 21 22.21 -8.79 16.42
N LYS A 22 23.35 -8.27 15.96
CA LYS A 22 24.64 -8.48 16.61
C LYS A 22 24.76 -7.80 17.98
N SER A 23 23.85 -6.87 18.25
CA SER A 23 23.77 -6.23 19.56
C SER A 23 23.11 -7.14 20.60
N ILE A 24 22.58 -8.27 20.15
CA ILE A 24 22.10 -9.29 21.08
C ILE A 24 23.34 -10.11 21.51
N THR A 25 23.95 -9.68 22.61
CA THR A 25 25.21 -10.25 23.09
C THR A 25 25.05 -10.96 24.43
N THR A 26 23.91 -10.74 25.10
CA THR A 26 23.64 -11.35 26.39
C THR A 26 22.19 -11.82 26.44
N GLU A 27 21.84 -12.54 27.49
N GLU A 27 21.84 -12.54 27.49
CA GLU A 27 20.46 -12.98 27.71
CA GLU A 27 20.46 -12.98 27.72
C GLU A 27 19.57 -11.78 27.97
C GLU A 27 19.58 -11.76 27.95
N ILE A 28 18.60 -11.55 27.07
CA ILE A 28 17.73 -10.36 27.13
C ILE A 28 16.24 -10.64 26.96
N THR A 29 15.43 -9.67 27.38
CA THR A 29 14.07 -9.55 26.90
C THR A 29 14.15 -8.66 25.67
N LEU A 30 13.85 -9.26 24.52
CA LEU A 30 13.89 -8.58 23.24
C LEU A 30 12.51 -8.05 22.84
N GLY A 31 12.48 -6.84 22.31
CA GLY A 31 11.28 -6.24 21.77
C GLY A 31 11.43 -6.12 20.26
N VAL A 32 10.36 -6.45 19.54
CA VAL A 32 10.42 -6.55 18.09
C VAL A 32 9.44 -5.60 17.43
N GLY A 33 9.94 -4.84 16.45
CA GLY A 33 9.12 -3.90 15.70
C GLY A 33 8.20 -4.55 14.69
N THR A 34 7.72 -3.75 13.74
CA THR A 34 6.80 -4.20 12.70
C THR A 34 7.27 -3.62 11.35
N GLY A 35 7.02 -4.35 10.26
CA GLY A 35 7.34 -3.84 8.93
C GLY A 35 8.29 -4.71 8.13
N SER A 36 8.59 -4.27 6.90
CA SER A 36 9.43 -5.04 5.98
C SER A 36 10.87 -5.20 6.47
N THR A 37 11.50 -4.13 6.94
CA THR A 37 12.88 -4.19 7.45
C THR A 37 12.98 -5.13 8.65
N VAL A 38 12.00 -5.03 9.56
CA VAL A 38 11.94 -5.91 10.74
C VAL A 38 11.73 -7.37 10.35
N GLY A 39 11.07 -7.59 9.22
CA GLY A 39 10.88 -8.94 8.68
C GLY A 39 12.20 -9.70 8.49
N PHE A 40 13.23 -8.99 8.04
CA PHE A 40 14.56 -9.57 7.86
C PHE A 40 15.24 -9.80 9.20
N LEU A 41 14.98 -8.91 10.15
CA LEU A 41 15.46 -9.04 11.52
C LEU A 41 14.90 -10.29 12.20
N ILE A 42 13.59 -10.49 12.06
CA ILE A 42 12.91 -11.66 12.64
C ILE A 42 13.54 -12.99 12.15
N GLU A 43 13.83 -13.07 10.85
N GLU A 43 13.82 -13.08 10.86
CA GLU A 43 14.43 -14.26 10.26
CA GLU A 43 14.43 -14.27 10.26
C GLU A 43 15.85 -14.51 10.80
C GLU A 43 15.84 -14.52 10.81
N GLU A 44 16.57 -13.43 11.08
CA GLU A 44 17.93 -13.50 11.61
C GLU A 44 18.01 -13.96 13.08
N LEU A 45 16.90 -13.88 13.81
CA LEU A 45 16.87 -14.17 15.24
C LEU A 45 17.10 -15.63 15.58
N VAL A 46 16.96 -16.49 14.56
CA VAL A 46 17.19 -17.93 14.72
C VAL A 46 18.66 -18.25 15.03
N ASN A 47 19.52 -17.25 14.89
CA ASN A 47 20.94 -17.36 15.18
C ASN A 47 21.28 -16.87 16.60
N TYR A 48 20.26 -16.50 17.37
CA TYR A 48 20.45 -15.92 18.70
C TYR A 48 19.51 -16.53 19.73
N ARG A 49 19.00 -17.72 19.42
CA ARG A 49 18.09 -18.45 20.31
C ARG A 49 18.63 -18.67 21.72
N ASP A 50 19.97 -18.74 21.85
CA ASP A 50 20.62 -18.91 23.15
C ASP A 50 20.53 -17.66 24.03
N LYS A 51 20.21 -16.52 23.43
CA LYS A 51 20.24 -15.25 24.13
C LYS A 51 18.86 -14.60 24.29
N ILE A 52 17.89 -15.10 23.54
CA ILE A 52 16.57 -14.52 23.55
C ILE A 52 15.69 -15.25 24.58
N LYS A 53 15.62 -14.65 25.76
CA LYS A 53 14.94 -15.24 26.91
C LYS A 53 13.43 -15.06 26.79
N THR A 54 13.03 -13.90 26.26
CA THR A 54 11.65 -13.46 26.24
C THR A 54 11.51 -12.52 25.04
N VAL A 55 10.37 -12.60 24.35
CA VAL A 55 10.09 -11.67 23.25
C VAL A 55 8.80 -10.90 23.52
N VAL A 56 8.86 -9.58 23.33
CA VAL A 56 7.69 -8.70 23.35
C VAL A 56 7.49 -8.20 21.92
N SER A 57 6.24 -8.19 21.47
CA SER A 57 5.94 -7.84 20.09
C SER A 57 5.06 -6.60 19.99
N SER A 58 5.34 -5.77 18.99
CA SER A 58 4.58 -4.55 18.72
C SER A 58 3.35 -4.75 17.81
N SER A 59 3.20 -5.94 17.22
CA SER A 59 2.00 -6.23 16.41
C SER A 59 1.66 -7.72 16.35
N GLU A 60 0.43 -8.01 15.94
CA GLU A 60 0.02 -9.39 15.73
C GLU A 60 0.69 -10.00 14.50
N ASP A 61 1.03 -9.16 13.52
CA ASP A 61 1.77 -9.61 12.35
C ASP A 61 3.17 -10.09 12.75
N SER A 62 3.86 -9.30 13.55
CA SER A 62 5.17 -9.70 14.07
C SER A 62 5.08 -10.93 14.97
N THR A 63 4.07 -10.94 15.84
CA THR A 63 3.83 -12.06 16.75
C THR A 63 3.64 -13.37 15.99
N ARG A 64 2.85 -13.33 14.91
N ARG A 64 2.86 -13.33 14.90
CA ARG A 64 2.62 -14.47 14.04
CA ARG A 64 2.62 -14.48 14.05
C ARG A 64 3.93 -14.99 13.46
C ARG A 64 3.93 -15.00 13.43
N LYS A 65 4.77 -14.06 12.98
CA LYS A 65 6.04 -14.42 12.36
C LYS A 65 7.02 -14.99 13.38
N LEU A 66 7.08 -14.38 14.56
CA LEU A 66 7.93 -14.85 15.66
C LEU A 66 7.52 -16.23 16.18
N LYS A 67 6.22 -16.44 16.40
CA LYS A 67 5.71 -17.74 16.84
C LYS A 67 5.98 -18.85 15.83
N ALA A 68 5.85 -18.52 14.54
CA ALA A 68 6.19 -19.47 13.47
C ALA A 68 7.65 -19.93 13.55
N LEU A 69 8.53 -19.06 14.04
CA LEU A 69 9.95 -19.39 14.19
C LEU A 69 10.30 -20.01 15.56
N GLY A 70 9.29 -20.27 16.37
CA GLY A 70 9.46 -20.96 17.64
C GLY A 70 9.78 -20.08 18.83
N PHE A 71 9.57 -18.77 18.69
CA PHE A 71 9.79 -17.84 19.79
C PHE A 71 8.56 -17.68 20.67
N ASP A 72 8.79 -17.57 21.97
CA ASP A 72 7.72 -17.44 22.96
C ASP A 72 7.45 -15.96 23.18
N VAL A 73 6.36 -15.48 22.57
CA VAL A 73 6.01 -14.07 22.66
C VAL A 73 5.08 -13.85 23.85
N VAL A 74 5.50 -12.96 24.76
CA VAL A 74 4.69 -12.66 25.95
C VAL A 74 4.22 -11.20 25.96
N ASP A 75 3.10 -10.97 26.65
CA ASP A 75 2.58 -9.62 26.90
C ASP A 75 3.62 -8.79 27.68
N LEU A 76 3.75 -7.51 27.34
CA LEU A 76 4.71 -6.61 28.01
C LEU A 76 4.51 -6.54 29.54
N ASN A 77 3.25 -6.65 29.98
CA ASN A 77 2.93 -6.68 31.40
C ASN A 77 3.61 -7.83 32.14
N TYR A 78 3.66 -9.00 31.49
CA TYR A 78 4.38 -10.17 32.01
C TYR A 78 5.90 -10.03 31.91
N ALA A 79 6.38 -9.34 30.88
CA ALA A 79 7.82 -9.15 30.64
C ALA A 79 8.42 -8.04 31.49
N GLY A 80 7.61 -7.04 31.83
CA GLY A 80 8.04 -5.91 32.65
C GLY A 80 8.69 -4.79 31.86
N GLU A 81 9.89 -5.06 31.37
CA GLU A 81 10.70 -4.07 30.67
C GLU A 81 11.44 -4.77 29.53
N ILE A 82 11.69 -4.04 28.45
CA ILE A 82 12.46 -4.57 27.32
C ILE A 82 13.92 -4.13 27.49
N ASP A 83 14.86 -5.06 27.34
CA ASP A 83 16.28 -4.69 27.38
C ASP A 83 16.68 -3.99 26.09
N LEU A 84 16.26 -4.59 24.97
CA LEU A 84 16.59 -4.10 23.64
C LEU A 84 15.37 -4.19 22.72
N TYR A 85 14.97 -3.05 22.17
CA TYR A 85 13.91 -2.99 21.17
C TYR A 85 14.51 -2.67 19.81
N ILE A 86 14.18 -3.49 18.80
CA ILE A 86 14.64 -3.25 17.42
C ILE A 86 13.44 -3.02 16.49
N ASP A 87 13.46 -1.90 15.78
CA ASP A 87 12.36 -1.52 14.89
C ASP A 87 12.87 -0.64 13.74
N GLY A 88 12.06 -0.54 12.68
CA GLY A 88 12.33 0.36 11.56
C GLY A 88 11.73 1.74 11.75
N ALA A 89 11.73 2.55 10.69
CA ALA A 89 11.11 3.87 10.72
C ALA A 89 10.75 4.34 9.32
N ASP A 90 9.79 5.27 9.25
CA ASP A 90 9.41 5.88 8.00
C ASP A 90 10.36 6.99 7.63
N GLU A 91 10.74 7.80 8.64
CA GLU A 91 11.73 8.85 8.48
C GLU A 91 12.64 8.93 9.69
N CYS A 92 13.88 9.36 9.47
CA CYS A 92 14.84 9.62 10.54
C CYS A 92 15.59 10.90 10.18
N ASN A 93 15.63 11.85 11.11
CA ASN A 93 16.36 13.10 10.86
C ASN A 93 17.78 13.07 11.45
N ASN A 94 18.41 14.23 11.59
CA ASN A 94 19.80 14.29 12.03
C ASN A 94 20.01 14.14 13.54
N HIS A 95 18.91 14.02 14.26
CA HIS A 95 18.94 13.91 15.71
C HIS A 95 18.25 12.61 16.19
N LYS A 96 18.12 11.65 15.27
CA LYS A 96 17.56 10.31 15.56
C LYS A 96 16.09 10.37 16.00
N GLU A 97 15.44 11.48 15.67
CA GLU A 97 14.01 11.66 15.89
C GLU A 97 13.30 11.09 14.68
N LEU A 98 12.20 10.38 14.91
CA LEU A 98 11.59 9.56 13.86
C LEU A 98 10.14 9.95 13.53
N ILE A 99 9.73 9.63 12.32
CA ILE A 99 8.33 9.40 12.04
C ILE A 99 8.15 7.87 11.89
N LYS A 100 7.20 7.33 12.65
CA LYS A 100 6.92 5.91 12.61
C LYS A 100 5.41 5.68 12.57
N GLY A 101 5.00 4.48 12.19
CA GLY A 101 3.57 4.12 12.23
C GLY A 101 2.86 4.14 10.89
N GLY A 102 3.61 4.35 9.81
CA GLY A 102 3.04 4.33 8.47
C GLY A 102 2.12 3.16 8.17
N GLY A 103 2.65 1.94 8.30
N GLY A 103 2.52 1.96 8.64
CA GLY A 103 1.99 0.77 7.77
CA GLY A 103 1.65 0.79 8.66
C GLY A 103 1.11 0.12 8.80
C GLY A 103 0.73 0.63 9.87
N ALA A 104 1.59 0.13 10.04
N ALA A 104 0.65 1.64 10.74
CA ALA A 104 0.87 -0.47 11.15
CA ALA A 104 -0.40 1.69 11.76
C ALA A 104 1.60 -0.22 12.46
C ALA A 104 -0.21 0.78 12.99
N ALA A 105 0.89 -0.48 13.56
N ALA A 105 0.99 0.26 13.17
CA ALA A 105 1.50 -0.66 14.87
CA ALA A 105 1.35 -0.47 14.40
C ALA A 105 1.99 0.58 15.61
C ALA A 105 1.98 0.53 15.38
N LEU A 106 1.56 1.78 15.20
CA LEU A 106 2.04 2.99 15.84
C LEU A 106 2.02 2.98 17.39
N THR A 107 0.86 2.66 17.95
CA THR A 107 0.69 2.75 19.40
C THR A 107 1.55 1.75 20.18
N ARG A 108 1.55 0.50 19.75
CA ARG A 108 2.34 -0.54 20.43
C ARG A 108 3.84 -0.40 20.20
N GLU A 109 4.24 0.10 19.03
CA GLU A 109 5.65 0.44 18.77
C GLU A 109 6.14 1.52 19.72
N LYS A 110 5.33 2.57 19.92
CA LYS A 110 5.73 3.66 20.80
C LYS A 110 5.77 3.24 22.26
N ILE A 111 4.86 2.36 22.65
CA ILE A 111 4.83 1.79 24.00
C ILE A 111 6.08 0.94 24.23
N CYS A 112 6.43 0.13 23.24
CA CYS A 112 7.62 -0.72 23.32
C CYS A 112 8.89 0.11 23.47
N VAL A 113 9.00 1.17 22.68
CA VAL A 113 10.12 2.11 22.79
C VAL A 113 10.18 2.71 24.20
N ALA A 114 9.02 3.12 24.73
CA ALA A 114 8.97 3.73 26.05
C ALA A 114 9.48 2.78 27.15
N ALA A 115 9.11 1.51 27.01
CA ALA A 115 9.43 0.48 27.98
C ALA A 115 10.79 -0.18 27.75
N ALA A 116 11.56 0.32 26.77
CA ALA A 116 12.84 -0.29 26.40
C ALA A 116 14.03 0.52 26.88
N LYS A 117 15.02 -0.19 27.44
CA LYS A 117 16.24 0.44 27.92
C LYS A 117 17.05 0.97 26.73
N LYS A 118 17.02 0.22 25.62
CA LYS A 118 17.70 0.63 24.41
C LYS A 118 16.84 0.35 23.18
N PHE A 119 16.75 1.36 22.31
CA PHE A 119 16.01 1.28 21.07
C PHE A 119 17.00 1.43 19.91
N ILE A 120 17.10 0.39 19.09
CA ILE A 120 17.89 0.44 17.86
C ILE A 120 16.94 0.57 16.68
N CYS A 121 17.15 1.61 15.89
CA CYS A 121 16.34 1.81 14.71
C CYS A 121 17.13 1.32 13.49
N ILE A 122 16.49 0.49 12.68
CA ILE A 122 17.11 -0.04 11.45
C ILE A 122 16.42 0.51 10.21
N ILE A 123 17.21 1.12 9.34
CA ILE A 123 16.69 1.81 8.14
C ILE A 123 17.63 1.61 6.95
N ASP A 124 17.08 1.68 5.75
CA ASP A 124 17.92 1.85 4.56
C ASP A 124 18.03 3.35 4.34
N GLU A 125 18.95 3.77 3.48
CA GLU A 125 19.24 5.19 3.28
C GLU A 125 18.06 6.08 2.86
N SER A 126 17.08 5.50 2.15
CA SER A 126 15.92 6.27 1.69
C SER A 126 15.10 6.86 2.83
N LYS A 127 15.29 6.37 4.05
CA LYS A 127 14.53 6.88 5.21
C LYS A 127 15.20 8.09 5.82
N LYS A 128 16.46 8.34 5.43
CA LYS A 128 17.27 9.41 6.02
C LYS A 128 16.92 10.79 5.44
N VAL A 129 16.51 11.70 6.31
CA VAL A 129 16.15 13.08 5.91
C VAL A 129 16.82 14.11 6.81
N ASN A 130 16.80 15.38 6.41
CA ASN A 130 17.27 16.48 7.25
C ASN A 130 16.18 16.99 8.21
N THR A 131 14.99 17.17 7.65
CA THR A 131 13.83 17.64 8.40
C THR A 131 12.68 16.67 8.19
N LEU A 132 12.02 16.27 9.28
CA LEU A 132 10.88 15.37 9.20
C LEU A 132 9.69 16.08 8.54
N GLY A 133 8.82 15.30 7.90
CA GLY A 133 7.54 15.82 7.42
C GLY A 133 7.08 15.45 6.01
N ASN A 134 8.01 15.10 5.13
CA ASN A 134 7.64 14.71 3.77
C ASN A 134 6.79 13.43 3.76
N PHE A 135 7.19 12.46 4.57
CA PHE A 135 6.36 11.31 4.85
C PHE A 135 5.21 11.78 5.77
N PRO A 136 3.94 11.46 5.40
CA PRO A 136 2.81 11.94 6.20
C PRO A 136 2.85 11.40 7.63
N LEU A 137 2.49 12.25 8.58
CA LEU A 137 2.49 11.88 9.99
C LEU A 137 1.25 11.06 10.39
N PRO A 138 1.46 9.79 10.83
CA PRO A 138 0.32 9.03 11.28
C PRO A 138 -0.06 9.43 12.69
N ILE A 139 -1.36 9.52 12.95
CA ILE A 139 -1.89 9.78 14.28
C ILE A 139 -3.03 8.78 14.50
N GLU A 140 -2.92 7.97 15.55
CA GLU A 140 -4.00 7.07 15.94
C GLU A 140 -4.97 7.79 16.86
N VAL A 141 -6.25 7.74 16.53
CA VAL A 141 -7.26 8.50 17.27
C VAL A 141 -8.48 7.66 17.64
N ILE A 142 -9.14 8.03 18.74
CA ILE A 142 -10.42 7.46 19.11
C ILE A 142 -11.42 7.82 18.01
N PRO A 143 -12.05 6.81 17.37
CA PRO A 143 -12.97 7.00 16.24
C PRO A 143 -13.95 8.16 16.41
N MET A 144 -14.57 8.25 17.58
CA MET A 144 -15.53 9.31 17.91
C MET A 144 -14.97 10.74 17.81
N ALA A 145 -13.65 10.88 17.95
CA ALA A 145 -12.97 12.18 17.96
C ALA A 145 -12.30 12.54 16.62
N ARG A 146 -12.50 11.70 15.61
CA ARG A 146 -11.77 11.84 14.34
C ARG A 146 -11.94 13.22 13.70
N SER A 147 -13.18 13.68 13.58
CA SER A 147 -13.50 14.95 12.92
C SER A 147 -13.02 16.14 13.74
N TYR A 148 -13.24 16.09 15.06
CA TYR A 148 -12.76 17.14 15.95
C TYR A 148 -11.23 17.29 15.84
N ILE A 149 -10.52 16.17 15.87
CA ILE A 149 -9.07 16.18 15.78
C ILE A 149 -8.55 16.71 14.43
N ALA A 150 -9.18 16.29 13.33
CA ALA A 150 -8.84 16.78 11.99
C ALA A 150 -8.92 18.31 11.92
N ARG A 151 -9.95 18.88 12.54
CA ARG A 151 -10.12 20.33 12.61
C ARG A 151 -8.97 21.00 13.36
N GLN A 152 -8.53 20.40 14.47
CA GLN A 152 -7.45 20.96 15.30
C GLN A 152 -6.09 20.91 14.60
N ILE A 153 -5.91 19.89 13.74
CA ILE A 153 -4.68 19.73 12.96
C ILE A 153 -4.61 20.77 11.85
N VAL A 154 -5.76 21.08 11.25
CA VAL A 154 -5.85 22.16 10.26
C VAL A 154 -5.36 23.46 10.86
N LYS A 155 -5.77 23.71 12.11
CA LYS A 155 -5.37 24.90 12.87
C LYS A 155 -3.87 24.91 13.15
N LEU A 156 -3.26 23.73 13.23
CA LEU A 156 -1.80 23.61 13.40
C LEU A 156 -1.00 23.76 12.11
N GLY A 157 -1.69 23.84 10.97
CA GLY A 157 -1.05 24.01 9.66
C GLY A 157 -0.93 22.74 8.83
N GLY A 158 -1.42 21.62 9.35
CA GLY A 158 -1.32 20.35 8.65
C GLY A 158 -2.53 20.07 7.76
N GLN A 159 -2.38 19.08 6.87
CA GLN A 159 -3.51 18.62 6.07
C GLN A 159 -3.88 17.18 6.47
N PRO A 160 -4.88 17.03 7.36
CA PRO A 160 -5.30 15.72 7.85
C PRO A 160 -6.11 14.92 6.82
N VAL A 161 -5.84 13.62 6.73
CA VAL A 161 -6.62 12.73 5.89
C VAL A 161 -6.98 11.48 6.68
N TYR A 162 -8.26 11.11 6.60
CA TYR A 162 -8.76 9.91 7.24
C TYR A 162 -8.44 8.69 6.38
N ARG A 163 -7.79 7.69 6.98
CA ARG A 163 -7.57 6.42 6.30
C ARG A 163 -8.85 5.63 6.38
N GLU A 164 -9.80 5.94 5.51
CA GLU A 164 -11.11 5.31 5.54
C GLU A 164 -11.01 3.80 5.47
N GLN A 165 -11.73 3.14 6.38
CA GLN A 165 -11.83 1.67 6.49
C GLN A 165 -10.58 0.96 7.07
N THR A 166 -9.62 1.74 7.57
CA THR A 166 -8.49 1.17 8.31
C THR A 166 -8.82 1.16 9.80
N ILE A 167 -8.55 0.04 10.46
CA ILE A 167 -8.74 -0.11 11.91
C ILE A 167 -7.47 -0.68 12.50
N THR A 168 -6.95 -0.08 13.57
CA THR A 168 -5.75 -0.59 14.23
C THR A 168 -6.11 -1.80 15.11
N ASP A 169 -5.12 -2.55 15.56
CA ASP A 169 -5.42 -3.67 16.48
C ASP A 169 -5.77 -3.23 17.92
N ASN A 170 -5.87 -1.92 18.10
CA ASN A 170 -6.40 -1.33 19.34
C ASN A 170 -7.86 -0.88 19.17
N GLY A 171 -8.42 -1.10 17.99
CA GLY A 171 -9.80 -0.71 17.66
C GLY A 171 -9.97 0.74 17.27
N ASN A 172 -8.88 1.38 16.86
CA ASN A 172 -8.87 2.81 16.57
C ASN A 172 -8.68 3.13 15.08
N VAL A 173 -8.83 4.41 14.75
CA VAL A 173 -8.60 4.85 13.37
C VAL A 173 -7.34 5.70 13.24
N ILE A 174 -6.94 5.96 12.00
CA ILE A 174 -5.73 6.70 11.70
C ILE A 174 -6.04 7.95 10.90
N LEU A 175 -5.41 9.06 11.31
CA LEU A 175 -5.31 10.25 10.50
C LEU A 175 -3.86 10.44 10.05
N ASP A 176 -3.67 10.61 8.75
CA ASP A 176 -2.37 10.98 8.19
C ASP A 176 -2.32 12.49 8.01
N VAL A 177 -1.21 13.09 8.40
CA VAL A 177 -1.08 14.54 8.27
C VAL A 177 -0.03 14.88 7.21
N TYR A 178 -0.49 15.53 6.15
CA TYR A 178 0.37 15.95 5.05
C TYR A 178 0.74 17.42 5.20
N ASN A 179 1.76 17.86 4.46
N ASN A 179 1.74 17.83 4.42
CA ASN A 179 2.08 19.29 4.38
CA ASN A 179 2.25 19.19 4.35
C ASN A 179 2.86 19.86 5.59
C ASN A 179 2.59 19.83 5.70
N LEU A 180 3.17 19.02 6.57
CA LEU A 180 3.84 19.51 7.78
C LEU A 180 5.34 19.60 7.53
N LYS A 181 5.92 20.73 7.90
CA LYS A 181 7.36 20.86 7.99
C LYS A 181 7.63 20.78 9.49
N ILE A 182 8.16 19.66 9.95
CA ILE A 182 8.37 19.44 11.39
C ILE A 182 9.79 19.79 11.80
N ASP A 183 10.07 21.09 11.87
CA ASP A 183 11.40 21.55 12.25
C ASP A 183 11.63 21.53 13.78
N ASN A 184 10.54 21.47 14.54
CA ASN A 184 10.62 21.26 15.99
C ASN A 184 9.75 20.04 16.40
N PRO A 185 10.33 18.82 16.27
CA PRO A 185 9.61 17.58 16.61
C PRO A 185 9.13 17.49 18.06
N LEU A 186 9.97 17.93 19.01
CA LEU A 186 9.65 17.88 20.43
C LEU A 186 8.40 18.68 20.73
N LYS A 187 8.34 19.89 20.17
CA LYS A 187 7.22 20.81 20.38
C LYS A 187 5.92 20.28 19.75
N LEU A 188 5.99 19.76 18.53
CA LEU A 188 4.81 19.27 17.83
C LEU A 188 4.28 17.96 18.39
N GLU A 189 5.19 17.05 18.76
CA GLU A 189 4.80 15.81 19.45
C GLU A 189 4.04 16.14 20.75
N THR A 190 4.53 17.12 21.49
CA THR A 190 3.90 17.58 22.72
C THR A 190 2.49 18.15 22.45
N GLU A 191 2.38 19.07 21.51
CA GLU A 191 1.09 19.69 21.13
C GLU A 191 0.04 18.64 20.71
N LEU A 192 0.45 17.66 19.91
CA LEU A 192 -0.46 16.62 19.44
C LEU A 192 -0.94 15.70 20.55
N ASN A 193 -0.07 15.42 21.52
CA ASN A 193 -0.42 14.68 22.73
C ASN A 193 -1.52 15.34 23.56
N GLN A 194 -1.62 16.67 23.44
CA GLN A 194 -2.60 17.45 24.19
C GLN A 194 -4.00 17.45 23.58
N ILE A 195 -4.11 17.04 22.31
CA ILE A 195 -5.40 17.03 21.63
C ILE A 195 -6.26 15.86 22.12
N THR A 196 -7.42 16.17 22.69
CA THR A 196 -8.35 15.16 23.22
C THR A 196 -8.76 14.16 22.15
N GLY A 197 -8.57 12.88 22.45
CA GLY A 197 -8.90 11.80 21.52
C GLY A 197 -7.71 11.20 20.79
N VAL A 198 -6.59 11.91 20.77
CA VAL A 198 -5.34 11.38 20.23
C VAL A 198 -4.83 10.29 21.16
N VAL A 199 -4.59 9.10 20.61
CA VAL A 199 -4.01 8.00 21.38
C VAL A 199 -2.50 8.13 21.33
N THR A 200 -1.95 8.20 20.12
CA THR A 200 -0.53 8.26 19.88
C THR A 200 -0.31 9.03 18.58
N ASN A 201 0.75 9.82 18.53
CA ASN A 201 1.22 10.38 17.26
C ASN A 201 2.56 9.76 16.84
N GLY A 202 2.85 9.77 15.53
CA GLY A 202 4.02 9.10 14.97
C GLY A 202 5.36 9.81 15.07
N ILE A 203 5.43 10.95 15.75
CA ILE A 203 6.73 11.57 16.05
C ILE A 203 7.35 10.85 17.25
N PHE A 204 8.54 10.26 17.06
CA PHE A 204 9.31 9.66 18.14
C PHE A 204 10.54 10.58 18.38
N ALA A 205 10.35 11.59 19.22
CA ALA A 205 11.34 12.63 19.46
C ALA A 205 11.62 12.82 20.94
N LEU A 206 10.56 12.85 21.75
CA LEU A 206 10.71 12.97 23.21
C LEU A 206 11.51 11.80 23.78
N LYS A 207 11.29 10.61 23.22
CA LYS A 207 12.20 9.48 23.39
C LYS A 207 12.64 9.03 21.98
N PRO A 208 13.80 9.53 21.53
CA PRO A 208 14.30 9.22 20.19
C PRO A 208 14.96 7.85 20.19
N ALA A 209 15.41 7.40 19.01
CA ALA A 209 16.21 6.19 18.93
C ALA A 209 17.54 6.42 19.64
N ASP A 210 18.01 5.40 20.34
CA ASP A 210 19.31 5.46 21.01
C ASP A 210 20.43 5.24 20.00
N THR A 211 20.13 4.37 19.02
CA THR A 211 21.06 3.99 17.98
C THR A 211 20.29 3.85 16.66
N VAL A 212 20.89 4.34 15.58
CA VAL A 212 20.34 4.15 14.25
C VAL A 212 21.36 3.41 13.42
N ILE A 213 20.99 2.23 12.92
CA ILE A 213 21.80 1.49 11.97
C ILE A 213 21.24 1.66 10.55
N MET A 214 22.01 2.36 9.70
CA MET A 214 21.59 2.71 8.36
C MET A 214 22.41 1.96 7.31
N ALA A 215 21.71 1.26 6.42
CA ALA A 215 22.33 0.67 5.25
C ALA A 215 22.32 1.71 4.13
N THR A 216 23.51 2.05 3.64
CA THR A 216 23.69 3.08 2.61
C THR A 216 23.45 2.52 1.20
N LYS A 217 23.29 3.41 0.22
CA LYS A 217 23.08 3.04 -1.17
C LYS A 217 24.19 2.18 -1.78
N ASP A 218 25.34 2.11 -1.09
CA ASP A 218 26.49 1.34 -1.54
C ASP A 218 26.72 0.08 -0.72
N SER A 219 25.72 -0.29 0.08
CA SER A 219 25.76 -1.47 0.93
C SER A 219 26.80 -1.40 2.07
N ASN A 220 27.04 -0.19 2.57
CA ASN A 220 27.83 -0.02 3.79
C ASN A 220 26.90 0.20 4.98
N ILE A 221 27.43 0.02 6.18
CA ILE A 221 26.67 0.29 7.39
C ILE A 221 27.21 1.57 8.02
N VAL A 222 26.32 2.52 8.29
CA VAL A 222 26.67 3.65 9.13
C VAL A 222 25.81 3.65 10.40
N VAL A 223 26.46 3.83 11.55
CA VAL A 223 25.80 3.76 12.84
C VAL A 223 25.73 5.15 13.45
N LEU A 224 24.51 5.64 13.65
CA LEU A 224 24.28 6.91 14.34
C LEU A 224 24.02 6.67 15.83
N ASN B 8 23.32 -27.54 -50.30
CA ASN B 8 21.88 -27.23 -50.13
C ASN B 8 21.50 -27.14 -48.65
N GLN B 9 20.97 -25.99 -48.28
CA GLN B 9 20.61 -25.70 -46.89
C GLN B 9 19.40 -26.49 -46.43
N ASP B 10 18.52 -26.84 -47.37
CA ASP B 10 17.31 -27.62 -47.07
C ASP B 10 17.62 -29.03 -46.59
N GLU B 11 18.61 -29.68 -47.21
N GLU B 11 18.67 -29.70 -47.26
CA GLU B 11 19.03 -31.00 -46.77
CA GLU B 11 19.18 -31.01 -46.86
C GLU B 11 19.61 -30.98 -45.35
C GLU B 11 19.64 -31.00 -45.40
N LEU B 12 20.37 -29.92 -45.03
CA LEU B 12 20.90 -29.71 -43.68
C LEU B 12 19.78 -29.48 -42.66
N LYS B 13 18.84 -28.59 -42.99
CA LYS B 13 17.63 -28.35 -42.20
C LYS B 13 16.85 -29.65 -41.96
N LYS B 14 16.73 -30.47 -43.00
CA LYS B 14 16.00 -31.73 -42.94
C LYS B 14 16.71 -32.75 -42.04
N LEU B 15 18.03 -32.79 -42.13
CA LEU B 15 18.85 -33.68 -41.31
C LEU B 15 18.73 -33.36 -39.81
N ALA B 16 18.78 -32.07 -39.48
CA ALA B 16 18.65 -31.62 -38.09
C ALA B 16 17.27 -31.93 -37.53
N ALA B 17 16.24 -31.71 -38.36
CA ALA B 17 14.85 -31.96 -38.00
C ALA B 17 14.58 -33.45 -37.78
N THR B 18 15.00 -34.27 -38.74
CA THR B 18 14.81 -35.72 -38.65
C THR B 18 15.54 -36.31 -37.44
N GLU B 19 16.67 -35.71 -37.08
CA GLU B 19 17.43 -36.13 -35.91
C GLU B 19 16.76 -35.72 -34.58
N ALA B 20 16.21 -34.52 -34.53
CA ALA B 20 15.53 -34.03 -33.33
C ALA B 20 14.24 -34.79 -33.05
N ALA B 21 13.59 -35.26 -34.12
CA ALA B 21 12.35 -36.03 -34.01
C ALA B 21 12.60 -37.37 -33.31
N LYS B 22 13.83 -37.85 -33.37
CA LYS B 22 14.27 -39.07 -32.69
C LYS B 22 14.15 -38.99 -31.17
N SER B 23 14.05 -37.77 -30.64
CA SER B 23 13.92 -37.56 -29.19
C SER B 23 12.50 -37.83 -28.68
N ILE B 24 11.53 -37.91 -29.59
CA ILE B 24 10.17 -38.33 -29.25
C ILE B 24 10.17 -39.84 -29.01
N THR B 25 10.57 -40.21 -27.80
CA THR B 25 10.87 -41.61 -27.45
C THR B 25 9.76 -42.24 -26.58
N THR B 26 8.90 -41.39 -26.03
CA THR B 26 7.77 -41.80 -25.22
C THR B 26 6.56 -40.92 -25.57
N GLU B 27 5.39 -41.23 -25.02
N GLU B 27 5.39 -41.24 -25.03
CA GLU B 27 4.17 -40.45 -25.27
CA GLU B 27 4.18 -40.45 -25.26
C GLU B 27 4.20 -39.09 -24.57
C GLU B 27 4.29 -39.09 -24.57
N ILE B 28 4.22 -38.02 -25.37
CA ILE B 28 4.46 -36.67 -24.88
C ILE B 28 3.43 -35.63 -25.36
N THR B 29 3.38 -34.51 -24.65
CA THR B 29 2.85 -33.28 -25.22
C THR B 29 4.02 -32.62 -25.96
N LEU B 30 3.82 -32.40 -27.26
CA LEU B 30 4.85 -31.83 -28.11
C LEU B 30 4.56 -30.37 -28.46
N GLY B 31 5.57 -29.53 -28.35
CA GLY B 31 5.48 -28.14 -28.80
C GLY B 31 6.20 -28.00 -30.12
N VAL B 32 5.56 -27.31 -31.06
CA VAL B 32 6.07 -27.19 -32.43
C VAL B 32 6.38 -25.72 -32.76
N GLY B 33 7.58 -25.47 -33.28
CA GLY B 33 8.00 -24.12 -33.66
C GLY B 33 7.42 -23.60 -34.97
N THR B 34 8.10 -22.62 -35.56
CA THR B 34 7.68 -21.98 -36.81
C THR B 34 8.88 -21.82 -37.77
N GLY B 35 8.63 -21.97 -39.08
CA GLY B 35 9.67 -21.70 -40.08
C GLY B 35 10.11 -22.89 -40.93
N SER B 36 11.04 -22.63 -41.86
CA SER B 36 11.57 -23.62 -42.80
C SER B 36 12.07 -24.91 -42.16
N THR B 37 12.99 -24.78 -41.20
CA THR B 37 13.59 -25.93 -40.52
C THR B 37 12.51 -26.76 -39.83
N VAL B 38 11.57 -26.09 -39.15
CA VAL B 38 10.42 -26.75 -38.51
C VAL B 38 9.45 -27.38 -39.53
N GLY B 39 9.37 -26.79 -40.73
CA GLY B 39 8.57 -27.34 -41.82
C GLY B 39 8.97 -28.78 -42.11
N PHE B 40 10.28 -29.03 -42.09
CA PHE B 40 10.83 -30.37 -42.27
C PHE B 40 10.51 -31.29 -41.11
N LEU B 41 10.44 -30.72 -39.91
CA LEU B 41 10.12 -31.47 -38.70
C LEU B 41 8.66 -31.91 -38.68
N ILE B 42 7.76 -30.97 -38.98
CA ILE B 42 6.33 -31.25 -39.08
C ILE B 42 6.02 -32.47 -39.97
N GLU B 43 6.69 -32.55 -41.12
CA GLU B 43 6.58 -33.71 -42.02
C GLU B 43 7.14 -35.02 -41.45
N GLU B 44 8.18 -34.93 -40.63
CA GLU B 44 8.75 -36.12 -39.98
C GLU B 44 7.87 -36.66 -38.87
N LEU B 45 6.99 -35.82 -38.33
CA LEU B 45 6.14 -36.18 -37.19
C LEU B 45 5.13 -37.27 -37.52
N VAL B 46 4.90 -37.49 -38.82
CA VAL B 46 4.06 -38.56 -39.33
C VAL B 46 4.59 -39.93 -38.87
N ASN B 47 5.91 -40.05 -38.77
CA ASN B 47 6.57 -41.27 -38.31
C ASN B 47 6.54 -41.45 -36.78
N TYR B 48 5.98 -40.46 -36.08
CA TYR B 48 5.99 -40.44 -34.62
C TYR B 48 4.60 -40.27 -34.03
N ARG B 49 3.58 -40.36 -34.89
CA ARG B 49 2.17 -40.09 -34.55
C ARG B 49 1.64 -40.82 -33.32
N ASP B 50 2.13 -42.03 -33.08
N ASP B 50 2.13 -42.04 -33.09
CA ASP B 50 1.62 -42.85 -31.98
CA ASP B 50 1.69 -42.89 -31.99
C ASP B 50 2.25 -42.50 -30.62
C ASP B 50 2.19 -42.43 -30.62
N LYS B 51 3.14 -41.51 -30.61
CA LYS B 51 3.76 -41.02 -29.38
C LYS B 51 3.37 -39.58 -29.07
N ILE B 52 2.61 -38.96 -29.96
CA ILE B 52 2.25 -37.56 -29.79
C ILE B 52 0.81 -37.43 -29.27
N LYS B 53 0.67 -37.50 -27.94
CA LYS B 53 -0.62 -37.38 -27.27
C LYS B 53 -1.27 -36.03 -27.58
N THR B 54 -0.50 -34.95 -27.46
CA THR B 54 -1.01 -33.59 -27.58
C THR B 54 0.01 -32.74 -28.34
N VAL B 55 -0.48 -31.80 -29.14
CA VAL B 55 0.36 -30.87 -29.90
C VAL B 55 0.01 -29.43 -29.54
N VAL B 56 1.03 -28.65 -29.17
CA VAL B 56 0.88 -27.22 -28.97
C VAL B 56 1.63 -26.51 -30.09
N SER B 57 1.02 -25.48 -30.68
CA SER B 57 1.63 -24.75 -31.79
C SER B 57 2.01 -23.32 -31.43
N SER B 58 3.13 -22.87 -31.99
CA SER B 58 3.65 -21.54 -31.72
C SER B 58 3.17 -20.47 -32.71
N SER B 59 2.36 -20.88 -33.69
CA SER B 59 1.83 -19.95 -34.68
C SER B 59 0.64 -20.52 -35.47
N GLU B 60 -0.18 -19.63 -36.01
CA GLU B 60 -1.30 -20.00 -36.86
C GLU B 60 -0.87 -20.73 -38.13
N ASP B 61 0.27 -20.30 -38.70
CA ASP B 61 0.87 -20.93 -39.87
C ASP B 61 1.22 -22.40 -39.61
N SER B 62 1.92 -22.65 -38.51
CA SER B 62 2.26 -24.01 -38.07
C SER B 62 1.02 -24.86 -37.78
N THR B 63 -0.02 -24.22 -37.24
CA THR B 63 -1.29 -24.89 -36.92
C THR B 63 -1.96 -25.42 -38.18
N ARG B 64 -2.03 -24.57 -39.21
CA ARG B 64 -2.61 -24.95 -40.51
C ARG B 64 -1.81 -26.08 -41.14
N LYS B 65 -0.49 -26.01 -41.03
CA LYS B 65 0.39 -27.07 -41.52
C LYS B 65 0.18 -28.39 -40.77
N LEU B 66 0.07 -28.32 -39.45
CA LEU B 66 -0.13 -29.51 -38.62
C LEU B 66 -1.49 -30.17 -38.88
N LYS B 67 -2.52 -29.35 -39.07
CA LYS B 67 -3.87 -29.83 -39.35
C LYS B 67 -4.01 -30.44 -40.74
N ALA B 68 -3.23 -29.92 -41.70
CA ALA B 68 -3.21 -30.45 -43.07
C ALA B 68 -2.66 -31.88 -43.10
N LEU B 69 -1.84 -32.19 -42.10
CA LEU B 69 -1.24 -33.52 -41.95
C LEU B 69 -2.02 -34.38 -40.96
N GLY B 70 -3.12 -33.84 -40.44
CA GLY B 70 -4.04 -34.58 -39.60
C GLY B 70 -3.75 -34.53 -38.11
N PHE B 71 -2.93 -33.58 -37.67
CA PHE B 71 -2.67 -33.40 -36.25
C PHE B 71 -3.68 -32.45 -35.60
N ASP B 72 -4.15 -32.82 -34.41
N ASP B 72 -4.17 -32.86 -34.44
CA ASP B 72 -5.07 -31.97 -33.64
CA ASP B 72 -5.00 -31.99 -33.60
C ASP B 72 -4.30 -31.09 -32.65
C ASP B 72 -4.07 -31.06 -32.84
N VAL B 73 -4.40 -29.77 -32.86
CA VAL B 73 -3.65 -28.78 -32.10
C VAL B 73 -4.50 -28.36 -30.90
N VAL B 74 -3.84 -28.25 -29.75
CA VAL B 74 -4.50 -27.93 -28.50
C VAL B 74 -3.90 -26.64 -27.95
N ASP B 75 -4.77 -25.78 -27.42
CA ASP B 75 -4.37 -24.57 -26.70
C ASP B 75 -3.42 -24.90 -25.53
N LEU B 76 -2.40 -24.07 -25.34
CA LEU B 76 -1.40 -24.28 -24.29
C LEU B 76 -2.00 -24.33 -22.88
N ASN B 77 -3.01 -23.51 -22.62
CA ASN B 77 -3.68 -23.51 -21.32
C ASN B 77 -4.27 -24.88 -21.00
N TYR B 78 -4.89 -25.50 -22.00
CA TYR B 78 -5.43 -26.85 -21.85
C TYR B 78 -4.34 -27.91 -21.70
N ALA B 79 -3.31 -27.80 -22.56
CA ALA B 79 -2.21 -28.75 -22.58
C ALA B 79 -1.41 -28.74 -21.27
N GLY B 80 -1.18 -27.54 -20.74
CA GLY B 80 -0.42 -27.37 -19.50
C GLY B 80 1.06 -27.19 -19.76
N GLU B 81 1.84 -28.20 -19.39
N GLU B 81 1.84 -28.17 -19.33
CA GLU B 81 3.30 -28.16 -19.49
CA GLU B 81 3.28 -28.17 -19.54
C GLU B 81 3.78 -28.98 -20.70
C GLU B 81 3.61 -28.91 -20.82
N ILE B 82 4.50 -28.33 -21.61
CA ILE B 82 5.03 -29.00 -22.79
C ILE B 82 6.19 -29.93 -22.36
N ASP B 83 6.15 -31.18 -22.80
CA ASP B 83 7.23 -32.13 -22.51
C ASP B 83 8.47 -31.79 -23.34
N LEU B 84 8.26 -31.58 -24.64
CA LEU B 84 9.33 -31.35 -25.58
C LEU B 84 8.94 -30.30 -26.62
N TYR B 85 9.69 -29.20 -26.66
CA TYR B 85 9.49 -28.16 -27.65
C TYR B 85 10.63 -28.13 -28.66
N ILE B 86 10.27 -28.19 -29.95
CA ILE B 86 11.24 -28.21 -31.04
C ILE B 86 11.00 -27.04 -31.99
N ASP B 87 12.04 -26.23 -32.20
CA ASP B 87 11.94 -25.01 -33.00
C ASP B 87 13.30 -24.70 -33.60
N GLY B 88 13.32 -23.86 -34.63
CA GLY B 88 14.57 -23.34 -35.18
C GLY B 88 14.98 -22.03 -34.52
N ALA B 89 15.96 -21.36 -35.13
CA ALA B 89 16.48 -20.09 -34.62
C ALA B 89 17.15 -19.33 -35.75
N ASP B 90 17.31 -18.02 -35.56
CA ASP B 90 18.01 -17.22 -36.56
C ASP B 90 19.51 -17.19 -36.27
N GLU B 91 19.86 -17.15 -34.98
CA GLU B 91 21.24 -17.29 -34.52
C GLU B 91 21.33 -18.11 -33.24
N CYS B 92 22.47 -18.77 -33.05
CA CYS B 92 22.78 -19.48 -31.82
C CYS B 92 24.24 -19.24 -31.47
N ASN B 93 24.52 -18.87 -30.21
CA ASN B 93 25.90 -18.67 -29.80
C ASN B 93 26.46 -19.90 -29.07
N ASN B 94 27.53 -19.71 -28.31
CA ASN B 94 28.19 -20.84 -27.64
C ASN B 94 27.50 -21.33 -26.36
N HIS B 95 26.54 -20.56 -25.84
CA HIS B 95 25.84 -20.92 -24.61
C HIS B 95 24.39 -21.34 -24.85
N LYS B 96 24.11 -21.71 -26.09
CA LYS B 96 22.76 -22.08 -26.54
C LYS B 96 21.76 -20.93 -26.36
N GLU B 97 22.27 -19.71 -26.43
CA GLU B 97 21.44 -18.51 -26.40
C GLU B 97 21.15 -18.15 -27.85
N LEU B 98 19.94 -17.67 -28.10
CA LEU B 98 19.42 -17.55 -29.46
C LEU B 98 18.94 -16.16 -29.81
N ILE B 99 18.96 -15.86 -31.10
CA ILE B 99 18.11 -14.82 -31.67
C ILE B 99 17.01 -15.51 -32.47
N LYS B 100 15.76 -15.14 -32.19
CA LYS B 100 14.60 -15.72 -32.83
C LYS B 100 13.59 -14.63 -33.16
N GLY B 101 12.60 -14.96 -33.98
CA GLY B 101 11.57 -14.02 -34.42
C GLY B 101 11.68 -13.59 -35.88
N GLY B 102 12.65 -14.12 -36.61
CA GLY B 102 12.78 -13.83 -38.05
C GLY B 102 11.51 -14.15 -38.85
N GLY B 103 10.78 -15.17 -38.39
CA GLY B 103 9.48 -15.54 -38.98
C GLY B 103 8.28 -14.88 -38.31
N ALA B 104 8.54 -13.88 -37.46
CA ALA B 104 7.51 -13.04 -36.80
C ALA B 104 6.69 -13.69 -35.68
N ALA B 105 7.07 -14.90 -35.28
CA ALA B 105 6.29 -15.66 -34.30
C ALA B 105 6.94 -15.75 -32.91
N LEU B 106 7.83 -14.80 -32.61
CA LEU B 106 8.66 -14.89 -31.41
C LEU B 106 7.90 -14.98 -30.09
N THR B 107 6.77 -14.29 -29.98
CA THR B 107 6.06 -14.21 -28.71
C THR B 107 5.49 -15.58 -28.28
N ARG B 108 4.74 -16.22 -29.18
CA ARG B 108 4.20 -17.53 -28.88
C ARG B 108 5.30 -18.60 -28.80
N GLU B 109 6.39 -18.39 -29.54
CA GLU B 109 7.55 -19.28 -29.47
C GLU B 109 8.21 -19.22 -28.10
N LYS B 110 8.38 -18.01 -27.58
CA LYS B 110 9.00 -17.78 -26.29
C LYS B 110 8.13 -18.30 -25.14
N ILE B 111 6.82 -18.10 -25.26
CA ILE B 111 5.85 -18.66 -24.32
C ILE B 111 5.95 -20.19 -24.28
N CYS B 112 6.01 -20.82 -25.46
CA CYS B 112 6.17 -22.26 -25.57
C CYS B 112 7.43 -22.78 -24.88
N VAL B 113 8.56 -22.12 -25.14
CA VAL B 113 9.83 -22.46 -24.48
C VAL B 113 9.71 -22.35 -22.95
N ALA B 114 9.12 -21.25 -22.47
CA ALA B 114 8.92 -21.02 -21.02
C ALA B 114 8.15 -22.15 -20.36
N ALA B 115 7.16 -22.70 -21.06
CA ALA B 115 6.32 -23.77 -20.54
C ALA B 115 6.80 -25.18 -20.93
N ALA B 116 7.99 -25.27 -21.51
CA ALA B 116 8.52 -26.54 -21.97
C ALA B 116 9.56 -27.11 -21.01
N LYS B 117 9.44 -28.39 -20.69
CA LYS B 117 10.42 -29.08 -19.84
C LYS B 117 11.76 -29.20 -20.57
N LYS B 118 11.69 -29.40 -21.89
CA LYS B 118 12.88 -29.50 -22.72
C LYS B 118 12.68 -28.78 -24.05
N PHE B 119 13.61 -27.89 -24.36
CA PHE B 119 13.60 -27.15 -25.61
C PHE B 119 14.79 -27.60 -26.45
N ILE B 120 14.49 -28.26 -27.56
CA ILE B 120 15.49 -28.61 -28.57
C ILE B 120 15.43 -27.60 -29.69
N CYS B 121 16.55 -26.94 -29.95
CA CYS B 121 16.68 -26.04 -31.07
C CYS B 121 17.35 -26.77 -32.24
N ILE B 122 16.72 -26.68 -33.42
CA ILE B 122 17.26 -27.30 -34.63
C ILE B 122 17.73 -26.26 -35.64
N ILE B 123 19.01 -26.38 -36.03
CA ILE B 123 19.66 -25.43 -36.92
C ILE B 123 20.59 -26.10 -37.92
N ASP B 124 20.81 -25.42 -39.04
CA ASP B 124 21.92 -25.75 -39.90
C ASP B 124 23.08 -24.87 -39.45
N GLU B 125 24.29 -25.17 -39.93
CA GLU B 125 25.52 -24.52 -39.46
C GLU B 125 25.61 -23.00 -39.68
N SER B 126 24.91 -22.48 -40.68
CA SER B 126 24.95 -21.05 -40.98
C SER B 126 24.41 -20.17 -39.85
N LYS B 127 23.63 -20.77 -38.94
CA LYS B 127 23.01 -20.04 -37.83
C LYS B 127 23.94 -19.93 -36.62
N LYS B 128 25.01 -20.73 -36.59
CA LYS B 128 25.93 -20.78 -35.47
C LYS B 128 26.94 -19.62 -35.49
N VAL B 129 26.97 -18.86 -34.40
CA VAL B 129 27.86 -17.71 -34.27
C VAL B 129 28.58 -17.71 -32.92
N ASN B 130 29.57 -16.84 -32.77
CA ASN B 130 30.23 -16.66 -31.48
C ASN B 130 29.69 -15.47 -30.70
N THR B 131 29.17 -14.48 -31.43
CA THR B 131 28.53 -13.32 -30.84
C THR B 131 27.22 -13.05 -31.60
N LEU B 132 26.12 -12.94 -30.86
CA LEU B 132 24.82 -12.64 -31.44
C LEU B 132 24.74 -11.19 -31.95
N GLY B 133 23.90 -10.96 -32.95
CA GLY B 133 23.59 -9.60 -33.37
C GLY B 133 23.73 -9.28 -34.84
N ASN B 134 24.39 -10.15 -35.60
CA ASN B 134 24.51 -9.96 -37.05
C ASN B 134 23.15 -10.03 -37.73
N PHE B 135 22.39 -11.08 -37.43
CA PHE B 135 20.98 -11.13 -37.77
C PHE B 135 20.26 -10.05 -36.94
N PRO B 136 19.41 -9.24 -37.59
CA PRO B 136 18.70 -8.19 -36.84
C PRO B 136 17.81 -8.75 -35.73
N LEU B 137 17.84 -8.11 -34.57
CA LEU B 137 17.05 -8.56 -33.43
C LEU B 137 15.57 -8.17 -33.57
N PRO B 138 14.67 -9.16 -33.75
CA PRO B 138 13.25 -8.88 -33.77
C PRO B 138 12.68 -8.55 -32.39
N ILE B 139 11.82 -7.54 -32.34
CA ILE B 139 11.12 -7.16 -31.12
C ILE B 139 9.66 -6.92 -31.49
N GLU B 140 8.76 -7.65 -30.83
CA GLU B 140 7.34 -7.46 -31.04
C GLU B 140 6.81 -6.39 -30.07
N VAL B 141 6.13 -5.40 -30.63
CA VAL B 141 5.71 -4.24 -29.86
C VAL B 141 4.23 -3.93 -30.07
N ILE B 142 3.61 -3.36 -29.04
CA ILE B 142 2.28 -2.80 -29.15
C ILE B 142 2.38 -1.67 -30.19
N PRO B 143 1.53 -1.73 -31.24
CA PRO B 143 1.65 -0.75 -32.34
C PRO B 143 1.72 0.70 -31.88
N MET B 144 0.92 1.05 -30.87
CA MET B 144 0.88 2.40 -30.29
C MET B 144 2.24 2.84 -29.76
N ALA B 145 3.02 1.88 -29.26
CA ALA B 145 4.33 2.15 -28.68
C ALA B 145 5.48 2.15 -29.69
N ARG B 146 5.20 1.77 -30.94
CA ARG B 146 6.25 1.54 -31.95
C ARG B 146 7.34 2.61 -32.02
N SER B 147 6.92 3.86 -32.19
CA SER B 147 7.85 4.98 -32.36
C SER B 147 8.62 5.31 -31.08
N TYR B 148 7.94 5.25 -29.94
CA TYR B 148 8.59 5.46 -28.64
C TYR B 148 9.72 4.45 -28.41
N ILE B 149 9.40 3.16 -28.59
CA ILE B 149 10.37 2.07 -28.44
C ILE B 149 11.55 2.20 -29.40
N ALA B 150 11.26 2.53 -30.67
CA ALA B 150 12.33 2.85 -31.62
C ALA B 150 13.29 3.89 -31.05
N ARG B 151 12.76 5.00 -30.54
N ARG B 151 12.74 5.00 -30.52
CA ARG B 151 13.59 6.05 -29.92
CA ARG B 151 13.54 6.06 -29.91
C ARG B 151 14.44 5.54 -28.76
C ARG B 151 14.42 5.55 -28.77
N GLN B 152 13.87 4.65 -27.95
CA GLN B 152 14.61 4.05 -26.82
C GLN B 152 15.73 3.10 -27.27
N ILE B 153 15.51 2.42 -28.38
CA ILE B 153 16.49 1.49 -28.93
C ILE B 153 17.69 2.23 -29.55
N VAL B 154 17.41 3.36 -30.20
CA VAL B 154 18.45 4.24 -30.73
C VAL B 154 19.38 4.69 -29.60
N LYS B 155 18.78 5.02 -28.46
CA LYS B 155 19.52 5.40 -27.25
C LYS B 155 20.44 4.28 -26.76
N LEU B 156 20.03 3.05 -26.99
CA LEU B 156 20.85 1.88 -26.64
C LEU B 156 21.94 1.58 -27.68
N GLY B 157 21.89 2.29 -28.81
CA GLY B 157 22.87 2.12 -29.89
C GLY B 157 22.40 1.25 -31.05
N GLY B 158 21.16 0.77 -30.99
CA GLY B 158 20.60 -0.04 -32.07
C GLY B 158 19.96 0.78 -33.19
N GLN B 159 19.76 0.15 -34.34
CA GLN B 159 19.08 0.78 -35.47
C GLN B 159 17.77 0.05 -35.76
N PRO B 160 16.66 0.58 -35.24
CA PRO B 160 15.35 -0.08 -35.37
C PRO B 160 14.77 0.10 -36.76
N VAL B 161 14.34 -1.01 -37.37
CA VAL B 161 13.64 -0.94 -38.65
C VAL B 161 12.27 -1.62 -38.52
N TYR B 162 11.23 -0.84 -38.72
CA TYR B 162 9.87 -1.36 -38.73
C TYR B 162 9.69 -2.37 -39.86
N ARG B 163 9.23 -3.57 -39.52
CA ARG B 163 9.02 -4.61 -40.52
C ARG B 163 7.74 -4.38 -41.29
N GLU B 164 7.89 -3.91 -42.53
N GLU B 164 7.89 -3.91 -42.52
CA GLU B 164 6.80 -3.58 -43.44
CA GLU B 164 6.77 -3.55 -43.39
C GLU B 164 5.86 -4.77 -43.65
C GLU B 164 5.86 -4.74 -43.70
N GLN B 165 4.56 -4.47 -43.77
CA GLN B 165 3.52 -5.46 -44.13
C GLN B 165 3.45 -6.69 -43.23
N THR B 166 3.83 -6.52 -41.97
CA THR B 166 3.80 -7.63 -41.02
C THR B 166 3.02 -7.29 -39.76
N ILE B 167 1.97 -8.06 -39.53
CA ILE B 167 1.23 -8.07 -38.28
C ILE B 167 1.35 -9.48 -37.70
N THR B 168 1.67 -9.58 -36.42
CA THR B 168 1.83 -10.88 -35.76
C THR B 168 0.48 -11.54 -35.50
N ASP B 169 0.49 -12.82 -35.16
CA ASP B 169 -0.72 -13.54 -34.74
C ASP B 169 -1.42 -12.87 -33.55
N ASN B 170 -0.68 -12.05 -32.82
CA ASN B 170 -1.17 -11.36 -31.62
C ASN B 170 -1.67 -9.95 -31.90
N GLY B 171 -1.64 -9.55 -33.17
CA GLY B 171 -2.10 -8.22 -33.58
C GLY B 171 -1.06 -7.12 -33.45
N ASN B 172 0.19 -7.49 -33.22
CA ASN B 172 1.24 -6.51 -32.96
C ASN B 172 2.18 -6.28 -34.16
N VAL B 173 3.16 -5.39 -33.99
CA VAL B 173 4.14 -5.14 -35.04
C VAL B 173 5.55 -5.47 -34.59
N ILE B 174 6.47 -5.59 -35.54
CA ILE B 174 7.86 -5.97 -35.29
C ILE B 174 8.83 -4.82 -35.61
N LEU B 175 9.78 -4.60 -34.69
CA LEU B 175 10.97 -3.82 -34.98
C LEU B 175 12.16 -4.76 -35.11
N ASP B 176 12.87 -4.68 -36.24
CA ASP B 176 14.12 -5.41 -36.41
C ASP B 176 15.29 -4.48 -36.13
N VAL B 177 16.16 -4.89 -35.21
CA VAL B 177 17.23 -4.00 -34.71
C VAL B 177 18.63 -4.41 -35.20
N TYR B 178 19.23 -3.50 -35.97
CA TYR B 178 20.55 -3.68 -36.55
C TYR B 178 21.64 -3.07 -35.67
N ASN B 179 22.90 -3.40 -35.99
CA ASN B 179 24.10 -2.81 -35.39
C ASN B 179 24.33 -3.18 -33.91
N LEU B 180 23.51 -4.08 -33.40
CA LEU B 180 23.63 -4.50 -32.01
C LEU B 180 24.73 -5.56 -31.89
N LYS B 181 25.65 -5.37 -30.94
CA LYS B 181 26.69 -6.35 -30.68
C LYS B 181 26.42 -6.99 -29.32
N ILE B 182 25.59 -8.03 -29.34
CA ILE B 182 25.02 -8.63 -28.14
C ILE B 182 26.02 -9.53 -27.40
N ASP B 183 26.97 -8.89 -26.73
CA ASP B 183 28.02 -9.56 -25.93
C ASP B 183 27.47 -10.21 -24.67
N ASN B 184 26.40 -9.61 -24.14
CA ASN B 184 25.76 -10.08 -22.92
C ASN B 184 24.25 -10.24 -23.13
N PRO B 185 23.85 -11.32 -23.81
CA PRO B 185 22.43 -11.59 -24.12
C PRO B 185 21.48 -11.57 -22.91
N LEU B 186 21.90 -12.14 -21.78
CA LEU B 186 21.11 -12.12 -20.55
C LEU B 186 20.78 -10.70 -20.08
N LYS B 187 21.80 -9.83 -20.13
CA LYS B 187 21.68 -8.43 -19.72
C LYS B 187 20.79 -7.62 -20.68
N LEU B 188 21.04 -7.73 -21.98
CA LEU B 188 20.25 -7.01 -22.97
C LEU B 188 18.81 -7.53 -23.03
N GLU B 189 18.60 -8.84 -22.87
CA GLU B 189 17.26 -9.41 -22.83
C GLU B 189 16.45 -8.83 -21.67
N THR B 190 17.09 -8.73 -20.51
CA THR B 190 16.50 -8.16 -19.30
C THR B 190 16.16 -6.68 -19.51
N GLU B 191 17.08 -5.95 -20.15
N GLU B 191 17.07 -5.96 -20.17
CA GLU B 191 16.94 -4.53 -20.41
CA GLU B 191 16.90 -4.52 -20.37
C GLU B 191 15.74 -4.23 -21.31
C GLU B 191 15.75 -4.20 -21.33
N LEU B 192 15.63 -4.97 -22.41
CA LEU B 192 14.54 -4.82 -23.38
C LEU B 192 13.16 -5.20 -22.80
N ASN B 193 13.12 -6.23 -21.95
CA ASN B 193 11.90 -6.56 -21.18
C ASN B 193 11.37 -5.40 -20.31
N GLN B 194 12.22 -4.42 -20.02
CA GLN B 194 11.85 -3.29 -19.18
C GLN B 194 11.21 -2.14 -19.95
N ILE B 195 11.29 -2.20 -21.28
CA ILE B 195 10.80 -1.12 -22.12
C ILE B 195 9.29 -1.27 -22.33
N THR B 196 8.54 -0.23 -21.97
CA THR B 196 7.09 -0.23 -22.00
C THR B 196 6.52 -0.37 -23.42
N GLY B 197 5.64 -1.35 -23.61
CA GLY B 197 5.08 -1.64 -24.93
C GLY B 197 5.77 -2.77 -25.69
N VAL B 198 6.94 -3.19 -25.19
CA VAL B 198 7.60 -4.39 -25.70
C VAL B 198 6.81 -5.61 -25.22
N VAL B 199 6.39 -6.46 -26.15
CA VAL B 199 5.68 -7.70 -25.82
C VAL B 199 6.72 -8.78 -25.49
N THR B 200 7.54 -9.14 -26.47
CA THR B 200 8.75 -9.94 -26.22
C THR B 200 9.84 -9.46 -27.15
N ASN B 201 11.09 -9.67 -26.74
CA ASN B 201 12.22 -9.49 -27.63
C ASN B 201 12.76 -10.86 -28.10
N GLY B 202 13.50 -10.85 -29.21
CA GLY B 202 13.98 -12.07 -29.85
C GLY B 202 15.20 -12.76 -29.25
N ILE B 203 15.68 -12.28 -28.11
CA ILE B 203 16.78 -12.95 -27.41
C ILE B 203 16.21 -14.06 -26.52
N PHE B 204 16.60 -15.30 -26.78
CA PHE B 204 16.27 -16.42 -25.91
C PHE B 204 17.52 -16.82 -25.13
N ALA B 205 17.72 -16.20 -23.97
CA ALA B 205 18.94 -16.39 -23.19
C ALA B 205 18.66 -16.68 -21.71
N LEU B 206 17.67 -15.99 -21.15
CA LEU B 206 17.25 -16.23 -19.76
C LEU B 206 16.74 -17.66 -19.58
N LYS B 207 16.04 -18.17 -20.60
CA LYS B 207 15.80 -19.60 -20.75
C LYS B 207 16.35 -19.96 -22.13
N PRO B 208 17.59 -20.47 -22.19
CA PRO B 208 18.20 -20.78 -23.46
C PRO B 208 17.75 -22.17 -23.91
N ALA B 209 18.23 -22.59 -25.07
CA ALA B 209 17.99 -23.93 -25.57
C ALA B 209 18.61 -24.93 -24.60
N ASP B 210 17.93 -26.06 -24.40
CA ASP B 210 18.45 -27.16 -23.57
C ASP B 210 19.36 -28.03 -24.40
N THR B 211 18.98 -28.24 -25.66
CA THR B 211 19.75 -29.02 -26.61
C THR B 211 19.74 -28.29 -27.94
N VAL B 212 20.88 -28.25 -28.61
CA VAL B 212 20.95 -27.72 -29.96
C VAL B 212 21.43 -28.84 -30.87
N ILE B 213 20.63 -29.15 -31.87
CA ILE B 213 20.99 -30.16 -32.85
C ILE B 213 21.33 -29.44 -34.13
N MET B 214 22.62 -29.49 -34.48
CA MET B 214 23.16 -28.74 -35.60
C MET B 214 23.68 -29.63 -36.74
N ALA B 215 23.10 -29.45 -37.92
CA ALA B 215 23.60 -30.07 -39.14
C ALA B 215 24.69 -29.19 -39.74
N THR B 216 25.88 -29.77 -39.92
CA THR B 216 27.06 -29.06 -40.40
C THR B 216 27.15 -29.08 -41.92
N LYS B 217 28.07 -28.27 -42.47
CA LYS B 217 28.36 -28.24 -43.91
C LYS B 217 28.51 -29.63 -44.54
N ASP B 218 29.16 -30.52 -43.81
CA ASP B 218 29.50 -31.86 -44.32
C ASP B 218 28.45 -32.92 -43.96
N SER B 219 27.22 -32.47 -43.68
CA SER B 219 26.10 -33.34 -43.31
C SER B 219 26.37 -34.21 -42.07
N ASN B 220 27.15 -33.69 -41.14
CA ASN B 220 27.33 -34.30 -39.83
C ASN B 220 26.44 -33.61 -38.81
N ILE B 221 26.11 -34.31 -37.74
CA ILE B 221 25.31 -33.78 -36.64
C ILE B 221 26.22 -33.40 -35.48
N VAL B 222 26.10 -32.16 -35.02
CA VAL B 222 26.71 -31.69 -33.78
C VAL B 222 25.59 -31.39 -32.77
N VAL B 223 25.73 -31.95 -31.57
CA VAL B 223 24.76 -31.72 -30.50
C VAL B 223 25.39 -30.86 -29.41
N LEU B 224 24.77 -29.71 -29.14
CA LEU B 224 25.19 -28.83 -28.06
C LEU B 224 24.32 -29.08 -26.84
N ASN C 7 -17.47 16.98 1.18
CA ASN C 7 -17.38 16.39 -0.19
C ASN C 7 -17.48 14.87 -0.19
N ASN C 8 -18.26 14.33 -1.12
CA ASN C 8 -18.31 12.89 -1.38
C ASN C 8 -17.28 12.50 -2.45
N GLN C 9 -17.07 11.21 -2.66
CA GLN C 9 -16.05 10.71 -3.60
C GLN C 9 -16.11 11.31 -5.02
N ASP C 10 -17.31 11.42 -5.59
CA ASP C 10 -17.46 12.03 -6.92
C ASP C 10 -17.03 13.50 -6.98
N GLU C 11 -17.39 14.26 -5.95
CA GLU C 11 -16.95 15.65 -5.80
C GLU C 11 -15.43 15.75 -5.69
N LEU C 12 -14.84 14.82 -4.94
CA LEU C 12 -13.38 14.75 -4.79
C LEU C 12 -12.73 14.42 -6.11
N LYS C 13 -13.28 13.44 -6.84
CA LYS C 13 -12.78 13.12 -8.18
C LYS C 13 -12.77 14.34 -9.10
N LYS C 14 -13.87 15.08 -9.12
CA LYS C 14 -13.97 16.29 -9.94
C LYS C 14 -13.04 17.41 -9.46
N LEU C 15 -12.87 17.53 -8.15
CA LEU C 15 -11.95 18.52 -7.58
C LEU C 15 -10.52 18.24 -8.05
N ALA C 16 -10.11 16.97 -7.97
CA ALA C 16 -8.79 16.54 -8.42
C ALA C 16 -8.60 16.78 -9.92
N ALA C 17 -9.60 16.41 -10.71
CA ALA C 17 -9.60 16.60 -12.15
C ALA C 17 -9.51 18.07 -12.55
N THR C 18 -10.32 18.90 -11.90
CA THR C 18 -10.34 20.36 -12.14
C THR C 18 -8.96 20.98 -11.87
N GLU C 19 -8.35 20.57 -10.76
CA GLU C 19 -7.05 21.08 -10.34
C GLU C 19 -5.95 20.66 -11.31
N ALA C 20 -5.98 19.41 -11.75
CA ALA C 20 -5.04 18.90 -12.76
C ALA C 20 -5.11 19.70 -14.06
N ALA C 21 -6.33 19.98 -14.52
CA ALA C 21 -6.55 20.69 -15.78
C ALA C 21 -5.91 22.08 -15.80
N LYS C 22 -5.69 22.66 -14.62
CA LYS C 22 -5.05 23.97 -14.48
C LYS C 22 -3.61 24.00 -15.00
N SER C 23 -2.98 22.84 -15.10
CA SER C 23 -1.62 22.71 -15.64
C SER C 23 -1.61 22.77 -17.18
N ILE C 24 -2.78 22.88 -17.79
CA ILE C 24 -2.85 23.08 -19.24
C ILE C 24 -2.79 24.58 -19.47
N THR C 25 -1.55 25.10 -19.49
CA THR C 25 -1.27 26.54 -19.48
C THR C 25 -0.78 27.06 -20.83
N THR C 26 -0.41 26.16 -21.73
CA THR C 26 0.07 26.51 -23.07
C THR C 26 -0.39 25.47 -24.09
N GLU C 27 -0.05 25.66 -25.37
N GLU C 27 -0.08 25.69 -25.37
CA GLU C 27 -0.40 24.74 -26.45
CA GLU C 27 -0.40 24.73 -26.43
C GLU C 27 0.37 23.41 -26.39
C GLU C 27 0.40 23.43 -26.27
N ILE C 28 -0.31 22.35 -25.94
CA ILE C 28 0.35 21.07 -25.68
C ILE C 28 -0.22 19.89 -26.45
N THR C 29 0.58 18.82 -26.51
CA THR C 29 0.09 17.49 -26.77
C THR C 29 -0.33 16.88 -25.43
N LEU C 30 -1.63 16.64 -25.30
CA LEU C 30 -2.20 16.12 -24.08
C LEU C 30 -2.49 14.64 -24.20
N GLY C 31 -2.08 13.89 -23.18
CA GLY C 31 -2.42 12.50 -23.03
C GLY C 31 -3.53 12.33 -22.01
N VAL C 32 -4.50 11.49 -22.34
CA VAL C 32 -5.67 11.32 -21.48
C VAL C 32 -5.77 9.88 -20.98
N GLY C 33 -5.95 9.75 -19.67
CA GLY C 33 -6.17 8.46 -19.02
C GLY C 33 -7.53 7.83 -19.26
N THR C 34 -7.93 6.96 -18.34
CA THR C 34 -9.14 6.15 -18.47
C THR C 34 -9.81 6.06 -17.10
N GLY C 35 -11.14 5.88 -17.09
CA GLY C 35 -11.84 5.67 -15.83
C GLY C 35 -12.72 6.81 -15.36
N SER C 36 -13.30 6.65 -14.18
CA SER C 36 -14.31 7.57 -13.67
C SER C 36 -13.74 8.92 -13.21
N THR C 37 -12.55 8.91 -12.60
CA THR C 37 -11.90 10.16 -12.21
C THR C 37 -11.54 10.95 -13.48
N VAL C 38 -10.94 10.27 -14.45
CA VAL C 38 -10.60 10.89 -15.71
C VAL C 38 -11.82 11.40 -16.50
N GLY C 39 -12.99 10.77 -16.27
CA GLY C 39 -14.22 11.18 -16.92
C GLY C 39 -14.56 12.64 -16.62
N PHE C 40 -14.36 13.04 -15.36
CA PHE C 40 -14.51 14.43 -14.97
C PHE C 40 -13.48 15.33 -15.68
N LEU C 41 -12.25 14.84 -15.81
CA LEU C 41 -11.22 15.58 -16.55
C LEU C 41 -11.61 15.80 -18.02
N ILE C 42 -12.03 14.73 -18.71
CA ILE C 42 -12.48 14.79 -20.11
C ILE C 42 -13.54 15.89 -20.34
N GLU C 43 -14.55 15.91 -19.48
CA GLU C 43 -15.60 16.95 -19.55
C GLU C 43 -15.10 18.37 -19.33
N GLU C 44 -14.09 18.52 -18.48
N GLU C 44 -14.08 18.53 -18.50
CA GLU C 44 -13.48 19.82 -18.18
CA GLU C 44 -13.48 19.84 -18.20
C GLU C 44 -12.63 20.35 -19.35
C GLU C 44 -12.51 20.33 -19.27
N LEU C 45 -12.13 19.45 -20.20
CA LEU C 45 -11.23 19.83 -21.29
C LEU C 45 -11.81 20.84 -22.30
N VAL C 46 -13.14 20.91 -22.35
CA VAL C 46 -13.85 21.88 -23.19
C VAL C 46 -13.51 23.33 -22.86
N ASN C 47 -13.05 23.57 -21.64
CA ASN C 47 -12.67 24.91 -21.19
C ASN C 47 -11.22 25.26 -21.52
N TYR C 48 -10.50 24.29 -22.08
CA TYR C 48 -9.09 24.43 -22.44
C TYR C 48 -8.89 24.11 -23.92
N ARG C 49 -9.99 24.07 -24.67
CA ARG C 49 -9.97 23.66 -26.07
C ARG C 49 -8.90 24.40 -26.91
N ASP C 50 -8.73 25.69 -26.65
CA ASP C 50 -7.77 26.50 -27.41
C ASP C 50 -6.30 26.17 -27.15
N LYS C 51 -6.03 25.41 -26.08
CA LYS C 51 -4.66 25.05 -25.71
C LYS C 51 -4.28 23.60 -26.04
N ILE C 52 -5.28 22.80 -26.36
CA ILE C 52 -5.05 21.40 -26.63
C ILE C 52 -4.84 21.20 -28.14
N LYS C 53 -3.58 21.27 -28.55
CA LYS C 53 -3.21 21.09 -29.95
C LYS C 53 -3.46 19.65 -30.37
N THR C 54 -2.95 18.70 -29.60
CA THR C 54 -3.10 17.28 -29.91
C THR C 54 -3.57 16.50 -28.69
N VAL C 55 -4.49 15.55 -28.92
CA VAL C 55 -4.95 14.62 -27.90
C VAL C 55 -4.49 13.17 -28.19
N VAL C 56 -3.80 12.57 -27.22
CA VAL C 56 -3.49 11.14 -27.26
C VAL C 56 -4.32 10.43 -26.19
N SER C 57 -4.90 9.29 -26.56
CA SER C 57 -5.78 8.54 -25.65
C SER C 57 -5.27 7.17 -25.20
N SER C 58 -5.48 6.86 -23.93
CA SER C 58 -5.02 5.59 -23.36
C SER C 58 -6.02 4.42 -23.50
N SER C 59 -7.19 4.67 -24.11
CA SER C 59 -8.20 3.62 -24.32
C SER C 59 -9.21 3.99 -25.39
N GLU C 60 -9.87 2.96 -25.95
CA GLU C 60 -10.92 3.17 -26.93
C GLU C 60 -12.14 3.86 -26.32
N ASP C 61 -12.40 3.57 -25.05
CA ASP C 61 -13.50 4.22 -24.33
C ASP C 61 -13.28 5.73 -24.20
N SER C 62 -12.10 6.11 -23.72
CA SER C 62 -11.70 7.52 -23.61
C SER C 62 -11.72 8.21 -24.97
N THR C 63 -11.25 7.50 -26.01
CA THR C 63 -11.29 8.00 -27.39
C THR C 63 -12.72 8.34 -27.85
N ARG C 64 -13.66 7.44 -27.58
CA ARG C 64 -15.07 7.66 -27.92
C ARG C 64 -15.64 8.91 -27.25
N LYS C 65 -15.30 9.08 -25.97
CA LYS C 65 -15.78 10.21 -25.16
C LYS C 65 -15.16 11.53 -25.61
N LEU C 66 -13.87 11.51 -25.92
CA LEU C 66 -13.14 12.68 -26.41
C LEU C 66 -13.67 13.14 -27.76
N LYS C 67 -13.84 12.19 -28.68
CA LYS C 67 -14.43 12.46 -30.00
C LYS C 67 -15.83 13.09 -29.86
N ALA C 68 -16.64 12.56 -28.93
CA ALA C 68 -18.00 13.05 -28.70
C ALA C 68 -17.99 14.50 -28.23
N LEU C 69 -16.91 14.89 -27.56
CA LEU C 69 -16.73 16.28 -27.15
C LEU C 69 -16.04 17.17 -28.20
N GLY C 70 -15.89 16.64 -29.42
CA GLY C 70 -15.31 17.40 -30.52
C GLY C 70 -13.80 17.44 -30.66
N PHE C 71 -13.09 16.61 -29.89
CA PHE C 71 -11.63 16.51 -29.98
C PHE C 71 -11.15 15.49 -31.01
N ASP C 72 -10.16 15.90 -31.80
N ASP C 72 -10.14 15.86 -31.81
CA ASP C 72 -9.41 14.99 -32.64
CA ASP C 72 -9.50 14.92 -32.73
C ASP C 72 -8.52 14.16 -31.73
C ASP C 72 -8.40 14.14 -32.01
N VAL C 73 -8.63 12.84 -31.85
CA VAL C 73 -7.72 11.94 -31.15
C VAL C 73 -6.71 11.39 -32.16
N VAL C 74 -5.43 11.59 -31.84
CA VAL C 74 -4.33 11.22 -32.72
C VAL C 74 -3.53 10.05 -32.13
N ASP C 75 -3.17 9.11 -33.00
CA ASP C 75 -2.30 7.99 -32.63
C ASP C 75 -0.96 8.51 -32.14
N LEU C 76 -0.50 7.93 -31.03
CA LEU C 76 0.79 8.29 -30.41
C LEU C 76 1.96 8.38 -31.41
N ASN C 77 1.99 7.47 -32.38
CA ASN C 77 3.04 7.46 -33.40
C ASN C 77 3.09 8.77 -34.20
N TYR C 78 1.92 9.37 -34.40
CA TYR C 78 1.78 10.63 -35.13
C TYR C 78 1.95 11.87 -34.24
N ALA C 79 1.54 11.75 -32.99
CA ALA C 79 1.61 12.86 -32.04
C ALA C 79 3.04 13.16 -31.57
N GLY C 80 3.88 12.13 -31.46
CA GLY C 80 5.22 12.30 -30.90
C GLY C 80 5.13 12.29 -29.39
N GLU C 81 6.04 12.99 -28.71
CA GLU C 81 6.01 13.00 -27.24
C GLU C 81 4.81 13.72 -26.65
N ILE C 82 4.24 13.11 -25.60
CA ILE C 82 3.16 13.72 -24.84
C ILE C 82 3.76 14.77 -23.89
N ASP C 83 3.21 15.98 -23.90
CA ASP C 83 3.65 17.03 -22.97
C ASP C 83 3.17 16.74 -21.57
N LEU C 84 1.87 16.50 -21.44
CA LEU C 84 1.24 16.26 -20.16
C LEU C 84 0.29 15.08 -20.27
N TYR C 85 0.52 14.06 -19.45
CA TYR C 85 -0.40 12.95 -19.30
C TYR C 85 -1.12 13.03 -17.96
N ILE C 86 -2.45 13.03 -18.00
CA ILE C 86 -3.26 13.03 -16.78
C ILE C 86 -4.09 11.74 -16.70
N ASP C 87 -3.95 11.04 -15.58
CA ASP C 87 -4.64 9.77 -15.37
C ASP C 87 -4.91 9.55 -13.88
N GLY C 88 -5.86 8.66 -13.58
CA GLY C 88 -6.09 8.21 -12.20
C GLY C 88 -5.25 7.00 -11.81
N ALA C 89 -5.55 6.42 -10.65
CA ALA C 89 -4.89 5.18 -10.20
C ALA C 89 -5.81 4.38 -9.30
N ASP C 90 -5.54 3.09 -9.15
CA ASP C 90 -6.30 2.29 -8.19
C ASP C 90 -5.71 2.41 -6.77
N GLU C 91 -4.39 2.60 -6.71
CA GLU C 91 -3.64 2.80 -5.47
C GLU C 91 -2.44 3.70 -5.75
N CYS C 92 -2.05 4.46 -4.73
CA CYS C 92 -0.86 5.30 -4.76
C CYS C 92 -0.21 5.24 -3.38
N ASN C 93 1.08 4.95 -3.33
CA ASN C 93 1.81 4.93 -2.06
C ASN C 93 2.46 6.29 -1.75
N ASN C 94 3.47 6.29 -0.88
CA ASN C 94 4.14 7.52 -0.46
C ASN C 94 5.30 7.96 -1.36
N HIS C 95 5.61 7.15 -2.37
CA HIS C 95 6.68 7.47 -3.31
C HIS C 95 6.16 7.67 -4.72
N LYS C 96 4.88 8.02 -4.81
CA LYS C 96 4.17 8.27 -6.09
C LYS C 96 4.17 7.06 -7.03
N GLU C 97 4.24 5.88 -6.43
CA GLU C 97 4.20 4.62 -7.15
C GLU C 97 2.80 4.05 -7.09
N LEU C 98 2.32 3.54 -8.23
CA LEU C 98 0.90 3.26 -8.38
C LEU C 98 0.59 1.81 -8.70
N ILE C 99 -0.64 1.42 -8.39
CA ILE C 99 -1.26 0.26 -9.00
C ILE C 99 -2.36 0.80 -9.92
N LYS C 100 -2.31 0.37 -11.18
CA LYS C 100 -3.26 0.80 -12.22
C LYS C 100 -3.76 -0.40 -13.02
N GLY C 101 -4.89 -0.25 -13.70
CA GLY C 101 -5.42 -1.30 -14.57
C GLY C 101 -6.70 -1.95 -14.07
N GLY C 102 -7.28 -1.40 -13.01
CA GLY C 102 -8.60 -1.82 -12.55
C GLY C 102 -9.62 -1.80 -13.67
N GLY C 103 -9.48 -0.83 -14.56
CA GLY C 103 -10.37 -0.70 -15.72
C GLY C 103 -9.85 -1.39 -16.97
N ALA C 104 -8.79 -2.20 -16.83
CA ALA C 104 -8.22 -3.01 -17.92
C ALA C 104 -7.38 -2.27 -18.97
N ALA C 105 -7.08 -0.98 -18.74
CA ALA C 105 -6.42 -0.16 -19.76
C ALA C 105 -4.94 0.09 -19.47
N LEU C 106 -4.37 -0.68 -18.54
CA LEU C 106 -3.01 -0.44 -18.04
C LEU C 106 -1.90 -0.34 -19.10
N THR C 107 -1.99 -1.13 -20.17
CA THR C 107 -0.93 -1.17 -21.19
C THR C 107 -0.77 0.16 -21.92
N ARG C 108 -1.84 0.63 -22.56
CA ARG C 108 -1.81 1.93 -23.24
C ARG C 108 -1.59 3.09 -22.25
N GLU C 109 -2.12 2.97 -21.03
CA GLU C 109 -1.83 3.94 -19.98
C GLU C 109 -0.32 4.04 -19.69
N LYS C 110 0.32 2.88 -19.52
CA LYS C 110 1.74 2.83 -19.21
C LYS C 110 2.61 3.34 -20.36
N ILE C 111 2.18 3.04 -21.60
CA ILE C 111 2.82 3.55 -22.80
C ILE C 111 2.73 5.09 -22.86
N CYS C 112 1.53 5.60 -22.59
CA CYS C 112 1.33 7.05 -22.50
C CYS C 112 2.22 7.68 -21.42
N VAL C 113 2.33 7.06 -20.26
CA VAL C 113 3.25 7.54 -19.20
C VAL C 113 4.71 7.51 -19.69
N ALA C 114 5.10 6.41 -20.32
CA ALA C 114 6.45 6.25 -20.86
C ALA C 114 6.81 7.40 -21.83
N ALA C 115 5.88 7.73 -22.73
CA ALA C 115 6.09 8.77 -23.74
C ALA C 115 5.70 10.19 -23.29
N ALA C 116 5.50 10.39 -21.99
CA ALA C 116 5.05 11.67 -21.43
C ALA C 116 6.16 12.43 -20.70
N LYS C 117 6.30 13.72 -21.00
CA LYS C 117 7.24 14.58 -20.28
C LYS C 117 6.81 14.76 -18.81
N LYS C 118 5.51 14.89 -18.58
CA LYS C 118 4.97 15.02 -17.23
C LYS C 118 3.73 14.16 -17.01
N PHE C 119 3.75 13.38 -15.93
CA PHE C 119 2.62 12.54 -15.54
C PHE C 119 2.00 13.06 -14.24
N ILE C 120 0.80 13.61 -14.36
CA ILE C 120 0.00 14.01 -13.21
C ILE C 120 -1.05 12.95 -12.89
N CYS C 121 -1.00 12.41 -11.68
CA CYS C 121 -1.96 11.41 -11.24
C CYS C 121 -3.02 12.07 -10.38
N ILE C 122 -4.28 11.85 -10.73
CA ILE C 122 -5.38 12.47 -10.02
C ILE C 122 -6.16 11.42 -9.25
N ILE C 123 -6.28 11.63 -7.94
CA ILE C 123 -6.96 10.68 -7.06
C ILE C 123 -7.83 11.39 -6.03
N ASP C 124 -8.84 10.67 -5.55
CA ASP C 124 -9.46 10.98 -4.27
C ASP C 124 -8.72 10.20 -3.18
N GLU C 125 -8.91 10.60 -1.93
CA GLU C 125 -8.18 10.04 -0.78
C GLU C 125 -8.24 8.52 -0.60
N SER C 126 -9.31 7.89 -1.08
CA SER C 126 -9.52 6.45 -0.91
C SER C 126 -8.53 5.59 -1.69
N LYS C 127 -7.83 6.21 -2.64
CA LYS C 127 -6.80 5.54 -3.45
C LYS C 127 -5.42 5.63 -2.79
N LYS C 128 -5.30 6.53 -1.82
CA LYS C 128 -4.03 6.73 -1.12
C LYS C 128 -3.80 5.66 -0.07
N VAL C 129 -2.65 4.99 -0.17
CA VAL C 129 -2.29 3.92 0.76
C VAL C 129 -0.86 4.14 1.26
N ASN C 130 -0.48 3.40 2.29
CA ASN C 130 0.90 3.38 2.75
C ASN C 130 1.74 2.39 1.96
N THR C 131 1.19 1.19 1.78
CA THR C 131 1.84 0.12 1.02
C THR C 131 0.86 -0.39 -0.04
N LEU C 132 1.36 -0.57 -1.26
CA LEU C 132 0.58 -1.15 -2.35
C LEU C 132 0.27 -2.62 -2.10
N GLY C 133 -0.85 -3.10 -2.63
CA GLY C 133 -1.16 -4.52 -2.56
C GLY C 133 -2.57 -4.97 -2.20
N ASN C 134 -3.27 -4.20 -1.38
CA ASN C 134 -4.67 -4.51 -1.03
C ASN C 134 -5.57 -4.61 -2.25
N PHE C 135 -5.52 -3.59 -3.10
CA PHE C 135 -6.18 -3.67 -4.39
C PHE C 135 -5.38 -4.65 -5.23
N PRO C 136 -6.05 -5.68 -5.78
CA PRO C 136 -5.33 -6.74 -6.51
C PRO C 136 -4.61 -6.18 -7.73
N LEU C 137 -3.40 -6.69 -7.98
CA LEU C 137 -2.54 -6.18 -9.04
C LEU C 137 -2.94 -6.73 -10.42
N PRO C 138 -3.41 -5.84 -11.32
CA PRO C 138 -3.72 -6.27 -12.69
C PRO C 138 -2.47 -6.52 -13.52
N ILE C 139 -2.48 -7.63 -14.25
CA ILE C 139 -1.42 -7.99 -15.17
C ILE C 139 -2.07 -8.42 -16.48
N GLU C 140 -1.77 -7.68 -17.56
CA GLU C 140 -2.27 -8.03 -18.88
C GLU C 140 -1.36 -9.10 -19.47
N VAL C 141 -1.97 -10.18 -19.96
CA VAL C 141 -1.20 -11.32 -20.44
C VAL C 141 -1.70 -11.80 -21.80
N ILE C 142 -0.78 -12.34 -22.60
CA ILE C 142 -1.11 -13.02 -23.84
C ILE C 142 -1.98 -14.24 -23.47
N PRO C 143 -3.18 -14.36 -24.07
CA PRO C 143 -4.09 -15.42 -23.63
C PRO C 143 -3.48 -16.81 -23.56
N MET C 144 -2.63 -17.20 -24.51
CA MET C 144 -2.01 -18.53 -24.48
C MET C 144 -1.06 -18.78 -23.28
N ALA C 145 -0.56 -17.70 -22.69
CA ALA C 145 0.34 -17.76 -21.53
C ALA C 145 -0.36 -17.64 -20.16
N ARG C 146 -1.69 -17.53 -20.17
CA ARG C 146 -2.47 -17.29 -18.95
C ARG C 146 -2.13 -18.23 -17.78
N SER C 147 -2.28 -19.55 -18.00
CA SER C 147 -2.04 -20.56 -16.98
C SER C 147 -0.57 -20.63 -16.54
N TYR C 148 0.32 -20.46 -17.51
CA TYR C 148 1.75 -20.47 -17.23
C TYR C 148 2.11 -19.32 -16.28
N ILE C 149 1.65 -18.12 -16.61
CA ILE C 149 1.92 -16.94 -15.81
C ILE C 149 1.32 -17.04 -14.41
N ALA C 150 0.09 -17.55 -14.31
CA ALA C 150 -0.55 -17.82 -13.03
C ALA C 150 0.30 -18.71 -12.11
N ARG C 151 0.88 -19.77 -12.68
N ARG C 151 0.91 -19.76 -12.67
CA ARG C 151 1.78 -20.65 -11.94
CA ARG C 151 1.77 -20.63 -11.86
C ARG C 151 3.02 -19.90 -11.44
C ARG C 151 3.11 -20.00 -11.48
N GLN C 152 3.59 -19.05 -12.29
CA GLN C 152 4.78 -18.27 -11.93
C GLN C 152 4.46 -17.23 -10.86
N ILE C 153 3.27 -16.66 -10.90
CA ILE C 153 2.83 -15.71 -9.86
C ILE C 153 2.63 -16.40 -8.52
N VAL C 154 2.10 -17.62 -8.53
CA VAL C 154 1.95 -18.41 -7.32
C VAL C 154 3.32 -18.58 -6.63
N LYS C 155 4.36 -18.78 -7.43
CA LYS C 155 5.71 -18.97 -6.91
C LYS C 155 6.30 -17.69 -6.33
N LEU C 156 5.79 -16.55 -6.79
CA LEU C 156 6.17 -15.26 -6.22
C LEU C 156 5.40 -14.94 -4.93
N GLY C 157 4.41 -15.76 -4.60
CA GLY C 157 3.58 -15.59 -3.40
C GLY C 157 2.29 -14.81 -3.59
N GLY C 158 1.87 -14.62 -4.84
CA GLY C 158 0.59 -13.99 -5.14
C GLY C 158 -0.53 -15.00 -5.37
N GLN C 159 -1.77 -14.53 -5.36
CA GLN C 159 -2.95 -15.34 -5.69
C GLN C 159 -3.58 -14.81 -6.97
N PRO C 160 -3.24 -15.43 -8.12
CA PRO C 160 -3.71 -14.92 -9.40
C PRO C 160 -5.14 -15.35 -9.71
N VAL C 161 -5.98 -14.39 -10.06
CA VAL C 161 -7.37 -14.66 -10.38
C VAL C 161 -7.68 -14.12 -11.79
N TYR C 162 -7.98 -15.04 -12.70
CA TYR C 162 -8.39 -14.70 -14.07
C TYR C 162 -9.66 -13.85 -14.08
N ARG C 163 -9.59 -12.69 -14.72
CA ARG C 163 -10.72 -11.77 -14.77
C ARG C 163 -11.70 -12.18 -15.87
N GLU C 164 -12.73 -12.93 -15.48
CA GLU C 164 -13.72 -13.49 -16.39
C GLU C 164 -14.36 -12.42 -17.27
N GLN C 165 -14.51 -12.74 -18.56
CA GLN C 165 -15.23 -11.91 -19.53
C GLN C 165 -14.54 -10.61 -19.95
N THR C 166 -13.38 -10.31 -19.38
CA THR C 166 -12.61 -9.12 -19.78
C THR C 166 -11.63 -9.44 -20.90
N ILE C 167 -11.70 -8.64 -21.96
CA ILE C 167 -10.73 -8.64 -23.05
C ILE C 167 -10.29 -7.20 -23.22
N THR C 168 -8.98 -6.96 -23.18
CA THR C 168 -8.46 -5.60 -23.30
C THR C 168 -8.63 -5.03 -24.71
N ASP C 169 -8.38 -3.74 -24.86
CA ASP C 169 -8.37 -3.07 -26.17
C ASP C 169 -7.37 -3.75 -27.12
N ASN C 170 -6.38 -4.41 -26.54
CA ASN C 170 -5.31 -5.07 -27.28
C ASN C 170 -5.59 -6.54 -27.54
N GLY C 171 -6.75 -7.03 -27.08
CA GLY C 171 -7.20 -8.40 -27.34
C GLY C 171 -6.61 -9.44 -26.40
N ASN C 172 -6.09 -8.97 -25.26
CA ASN C 172 -5.47 -9.84 -24.27
C ASN C 172 -6.37 -10.03 -23.06
N VAL C 173 -5.93 -10.84 -22.11
CA VAL C 173 -6.69 -11.06 -20.88
C VAL C 173 -5.96 -10.51 -19.67
N ILE C 174 -6.63 -10.47 -18.52
CA ILE C 174 -6.07 -9.92 -17.28
C ILE C 174 -6.06 -10.99 -16.20
N LEU C 175 -4.96 -11.06 -15.46
CA LEU C 175 -4.91 -11.78 -14.19
C LEU C 175 -4.82 -10.74 -13.07
N ASP C 176 -5.68 -10.86 -12.07
CA ASP C 176 -5.61 -9.97 -10.90
C ASP C 176 -4.92 -10.69 -9.75
N VAL C 177 -3.85 -10.10 -9.24
CA VAL C 177 -3.06 -10.76 -8.21
C VAL C 177 -3.34 -10.23 -6.80
N TYR C 178 -3.93 -11.10 -5.97
CA TYR C 178 -4.24 -10.80 -4.58
C TYR C 178 -3.11 -11.22 -3.65
N ASN C 179 -3.19 -10.72 -2.42
CA ASN C 179 -2.36 -11.13 -1.28
C ASN C 179 -0.87 -10.72 -1.35
N LEU C 180 -0.54 -9.78 -2.22
CA LEU C 180 0.83 -9.28 -2.27
C LEU C 180 0.99 -8.09 -1.34
N LYS C 181 2.06 -8.10 -0.54
N LYS C 181 2.09 -8.08 -0.59
CA LYS C 181 2.48 -6.90 0.18
CA LYS C 181 2.48 -6.91 0.19
C LYS C 181 3.65 -6.32 -0.61
C LYS C 181 3.65 -6.27 -0.54
N ILE C 182 3.36 -5.29 -1.39
CA ILE C 182 4.36 -4.72 -2.30
C ILE C 182 5.19 -3.64 -1.62
N ASP C 183 6.10 -4.10 -0.77
CA ASP C 183 7.05 -3.27 -0.04
C ASP C 183 8.15 -2.73 -0.95
N ASN C 184 8.36 -3.43 -2.06
CA ASN C 184 9.35 -3.06 -3.06
C ASN C 184 8.74 -3.12 -4.47
N PRO C 185 7.97 -2.08 -4.85
CA PRO C 185 7.35 -1.99 -6.17
C PRO C 185 8.32 -2.07 -7.34
N LEU C 186 9.43 -1.32 -7.28
CA LEU C 186 10.47 -1.38 -8.32
C LEU C 186 10.97 -2.81 -8.60
N LYS C 187 11.22 -3.58 -7.55
CA LYS C 187 11.68 -4.95 -7.70
C LYS C 187 10.60 -5.85 -8.32
N LEU C 188 9.37 -5.75 -7.82
CA LEU C 188 8.31 -6.60 -8.30
C LEU C 188 7.90 -6.26 -9.74
N GLU C 189 7.90 -4.98 -10.08
CA GLU C 189 7.62 -4.56 -11.45
C GLU C 189 8.63 -5.15 -12.43
N THR C 190 9.91 -5.04 -12.09
CA THR C 190 11.01 -5.62 -12.86
C THR C 190 10.86 -7.15 -12.99
N GLU C 191 10.60 -7.83 -11.87
CA GLU C 191 10.39 -9.29 -11.85
C GLU C 191 9.21 -9.71 -12.76
N LEU C 192 8.07 -9.05 -12.60
CA LEU C 192 6.92 -9.33 -13.46
C LEU C 192 7.19 -9.06 -14.95
N ASN C 193 8.01 -8.04 -15.25
CA ASN C 193 8.42 -7.73 -16.63
C ASN C 193 9.24 -8.84 -17.30
N GLN C 194 9.86 -9.70 -16.47
CA GLN C 194 10.69 -10.82 -16.94
C GLN C 194 9.89 -12.06 -17.30
N ILE C 195 8.62 -12.11 -16.89
CA ILE C 195 7.78 -13.28 -17.13
C ILE C 195 7.27 -13.28 -18.57
N THR C 196 7.59 -14.33 -19.32
CA THR C 196 7.17 -14.45 -20.72
C THR C 196 5.66 -14.54 -20.83
N GLY C 197 5.08 -13.67 -21.66
CA GLY C 197 3.63 -13.64 -21.85
C GLY C 197 2.99 -12.45 -21.19
N VAL C 198 3.71 -11.80 -20.27
CA VAL C 198 3.21 -10.58 -19.63
C VAL C 198 3.36 -9.44 -20.61
N VAL C 199 2.26 -8.74 -20.87
CA VAL C 199 2.30 -7.56 -21.73
C VAL C 199 2.75 -6.35 -20.91
N THR C 200 1.94 -5.94 -19.93
CA THR C 200 2.39 -5.03 -18.88
C THR C 200 1.82 -5.51 -17.57
N ASN C 201 2.49 -5.14 -16.47
CA ASN C 201 1.92 -5.30 -15.13
C ASN C 201 1.47 -3.92 -14.61
N GLY C 202 0.51 -3.92 -13.68
CA GLY C 202 -0.12 -2.69 -13.23
C GLY C 202 0.64 -1.87 -12.20
N ILE C 203 1.90 -2.21 -11.96
CA ILE C 203 2.76 -1.41 -11.09
C ILE C 203 3.42 -0.30 -11.90
N PHE C 204 3.16 0.94 -11.51
CA PHE C 204 3.86 2.09 -12.09
C PHE C 204 4.83 2.63 -11.05
N ALA C 205 6.06 2.14 -11.08
CA ALA C 205 7.08 2.53 -10.12
C ALA C 205 8.41 2.90 -10.79
N LEU C 206 8.79 2.15 -11.82
CA LEU C 206 10.05 2.42 -12.52
C LEU C 206 10.00 3.81 -13.16
N LYS C 207 8.84 4.14 -13.73
CA LYS C 207 8.47 5.53 -14.04
C LYS C 207 7.21 5.89 -13.22
N PRO C 208 7.41 6.50 -12.03
CA PRO C 208 6.29 6.83 -11.16
C PRO C 208 5.64 8.15 -11.59
N ALA C 209 4.58 8.54 -10.91
CA ALA C 209 3.93 9.84 -11.16
C ALA C 209 4.87 10.98 -10.77
N ASP C 210 4.87 12.05 -11.57
CA ASP C 210 5.66 13.24 -11.25
C ASP C 210 4.95 14.08 -10.20
N THR C 211 3.63 14.11 -10.28
CA THR C 211 2.77 14.86 -9.40
C THR C 211 1.54 14.02 -9.11
N VAL C 212 1.18 13.95 -7.84
CA VAL C 212 -0.07 13.34 -7.42
C VAL C 212 -0.94 14.43 -6.82
N ILE C 213 -2.10 14.63 -7.42
CA ILE C 213 -3.10 15.54 -6.89
C ILE C 213 -4.18 14.72 -6.19
N MET C 214 -4.24 14.85 -4.87
CA MET C 214 -5.17 14.08 -4.05
C MET C 214 -6.19 14.99 -3.43
N ALA C 215 -7.45 14.75 -3.78
CA ALA C 215 -8.56 15.47 -3.19
C ALA C 215 -9.01 14.74 -1.94
N THR C 216 -9.14 15.49 -0.85
CA THR C 216 -9.46 14.98 0.47
C THR C 216 -10.69 15.68 1.04
N LYS C 217 -11.41 14.98 1.92
CA LYS C 217 -12.60 15.56 2.56
C LYS C 217 -12.22 16.65 3.57
N ASP C 218 -11.13 16.44 4.30
CA ASP C 218 -10.78 17.28 5.44
C ASP C 218 -9.92 18.49 5.10
N SER C 219 -9.25 18.47 3.94
CA SER C 219 -8.33 19.55 3.59
C SER C 219 -8.24 19.85 2.08
N ASN C 220 -9.30 19.49 1.35
CA ASN C 220 -9.37 19.69 -0.10
C ASN C 220 -8.16 19.11 -0.84
N ILE C 221 -7.50 19.91 -1.67
CA ILE C 221 -6.38 19.41 -2.46
C ILE C 221 -5.12 19.26 -1.62
N VAL C 222 -4.51 18.08 -1.72
CA VAL C 222 -3.18 17.80 -1.20
C VAL C 222 -2.30 17.44 -2.39
N VAL C 223 -1.19 18.15 -2.53
CA VAL C 223 -0.27 17.89 -3.63
C VAL C 223 0.93 17.11 -3.09
N LEU C 224 1.23 15.98 -3.73
CA LEU C 224 2.41 15.16 -3.42
C LEU C 224 3.43 15.29 -4.55
N ASN D 7 -31.21 8.17 49.75
CA ASN D 7 -31.77 8.87 48.56
C ASN D 7 -31.85 10.38 48.74
N ASN D 8 -31.31 10.87 49.86
CA ASN D 8 -31.15 12.30 50.07
C ASN D 8 -30.18 12.86 49.05
N GLN D 9 -29.09 12.13 48.83
CA GLN D 9 -28.12 12.48 47.81
C GLN D 9 -28.73 12.36 46.41
N ASP D 10 -29.59 11.36 46.22
CA ASP D 10 -30.31 11.16 44.96
C ASP D 10 -31.24 12.34 44.63
N GLU D 11 -31.84 12.90 45.69
CA GLU D 11 -32.73 14.05 45.55
C GLU D 11 -31.93 15.31 45.18
N LEU D 12 -30.73 15.44 45.75
CA LEU D 12 -29.83 16.55 45.42
C LEU D 12 -29.37 16.48 43.97
N LYS D 13 -29.03 15.27 43.52
CA LYS D 13 -28.62 15.01 42.13
C LYS D 13 -29.74 15.29 41.12
N LYS D 14 -30.97 14.91 41.44
CA LYS D 14 -32.15 15.23 40.62
C LYS D 14 -32.38 16.73 40.54
N LEU D 15 -32.15 17.41 41.66
CA LEU D 15 -32.28 18.86 41.78
C LEU D 15 -31.31 19.57 40.84
N ALA D 16 -30.04 19.16 40.88
CA ALA D 16 -29.00 19.72 40.01
C ALA D 16 -29.28 19.48 38.53
N ALA D 17 -29.78 18.27 38.21
CA ALA D 17 -30.07 17.88 36.84
C ALA D 17 -31.26 18.64 36.23
N THR D 18 -32.28 18.85 37.05
CA THR D 18 -33.47 19.59 36.64
C THR D 18 -33.11 21.04 36.29
N GLU D 19 -32.20 21.62 37.08
CA GLU D 19 -31.76 22.99 36.90
C GLU D 19 -30.95 23.18 35.61
N ALA D 20 -30.06 22.23 35.33
CA ALA D 20 -29.25 22.22 34.11
C ALA D 20 -30.10 22.12 32.85
N ALA D 21 -31.12 21.26 32.90
CA ALA D 21 -32.01 21.02 31.76
C ALA D 21 -32.69 22.29 31.28
N LYS D 22 -32.87 23.24 32.20
CA LYS D 22 -33.53 24.52 31.93
C LYS D 22 -32.68 25.43 31.01
N SER D 23 -31.41 25.05 30.81
CA SER D 23 -30.52 25.74 29.85
C SER D 23 -30.79 25.33 28.41
N ILE D 24 -31.53 24.23 28.21
CA ILE D 24 -32.03 23.85 26.89
C ILE D 24 -33.21 24.77 26.54
N THR D 25 -32.90 25.91 25.93
CA THR D 25 -33.93 26.92 25.63
C THR D 25 -34.27 26.99 24.14
N THR D 26 -33.26 26.80 23.30
CA THR D 26 -33.44 26.74 21.85
C THR D 26 -33.19 25.33 21.34
N GLU D 27 -33.43 25.11 20.05
CA GLU D 27 -33.14 23.81 19.43
C GLU D 27 -31.63 23.59 19.26
N ILE D 28 -31.12 22.58 19.95
CA ILE D 28 -29.68 22.36 20.10
C ILE D 28 -29.22 20.95 19.74
N THR D 29 -27.92 20.82 19.50
CA THR D 29 -27.25 19.52 19.55
C THR D 29 -26.84 19.32 21.00
N LEU D 30 -27.44 18.33 21.64
CA LEU D 30 -27.22 18.06 23.05
C LEU D 30 -26.20 16.94 23.26
N GLY D 31 -25.29 17.15 24.21
CA GLY D 31 -24.35 16.11 24.62
C GLY D 31 -24.70 15.60 26.00
N VAL D 32 -24.74 14.28 26.15
CA VAL D 32 -25.16 13.63 27.38
C VAL D 32 -23.99 12.88 28.04
N GLY D 33 -23.80 13.12 29.33
CA GLY D 33 -22.77 12.45 30.12
C GLY D 33 -23.12 11.03 30.53
N THR D 34 -22.51 10.57 31.62
CA THR D 34 -22.68 9.20 32.13
C THR D 34 -22.79 9.22 33.66
N GLY D 35 -23.55 8.30 34.23
CA GLY D 35 -23.62 8.16 35.69
C GLY D 35 -24.99 8.42 36.30
N SER D 36 -25.07 8.28 37.62
CA SER D 36 -26.34 8.39 38.34
C SER D 36 -26.97 9.79 38.30
N THR D 37 -26.14 10.83 38.41
CA THR D 37 -26.61 12.22 38.33
C THR D 37 -27.22 12.49 36.94
N VAL D 38 -26.50 12.06 35.90
CA VAL D 38 -26.96 12.18 34.52
C VAL D 38 -28.22 11.35 34.25
N GLY D 39 -28.36 10.22 34.94
CA GLY D 39 -29.57 9.40 34.86
C GLY D 39 -30.84 10.19 35.14
N PHE D 40 -30.74 11.13 36.08
CA PHE D 40 -31.86 12.03 36.40
C PHE D 40 -32.09 13.09 35.32
N LEU D 41 -31.00 13.54 34.69
CA LEU D 41 -31.10 14.47 33.55
C LEU D 41 -31.76 13.83 32.33
N ILE D 42 -31.30 12.62 31.99
CA ILE D 42 -31.86 11.86 30.87
C ILE D 42 -33.37 11.69 31.03
N GLU D 43 -33.77 11.34 32.26
CA GLU D 43 -35.18 11.23 32.65
C GLU D 43 -35.96 12.53 32.39
N GLU D 44 -35.30 13.66 32.69
CA GLU D 44 -35.91 15.00 32.54
C GLU D 44 -36.00 15.44 31.07
N LEU D 45 -35.21 14.83 30.20
CA LEU D 45 -35.15 15.21 28.78
C LEU D 45 -36.47 15.04 28.01
N VAL D 46 -37.41 14.29 28.58
CA VAL D 46 -38.74 14.09 27.98
C VAL D 46 -39.54 15.41 27.99
N ASN D 47 -39.15 16.33 28.86
CA ASN D 47 -39.79 17.64 28.94
C ASN D 47 -39.25 18.65 27.93
N TYR D 48 -38.17 18.28 27.24
CA TYR D 48 -37.48 19.18 26.32
C TYR D 48 -37.35 18.59 24.91
N ARG D 49 -38.17 17.59 24.60
CA ARG D 49 -38.15 16.90 23.30
C ARG D 49 -38.07 17.82 22.09
N ASP D 50 -38.95 18.82 22.05
CA ASP D 50 -39.08 19.73 20.90
C ASP D 50 -37.86 20.63 20.70
N LYS D 51 -36.97 20.68 21.68
CA LYS D 51 -35.79 21.53 21.63
C LYS D 51 -34.53 20.73 21.30
N ILE D 52 -34.61 19.41 21.37
CA ILE D 52 -33.44 18.56 21.15
C ILE D 52 -33.48 17.92 19.76
N LYS D 53 -32.77 18.55 18.81
CA LYS D 53 -32.68 18.03 17.44
C LYS D 53 -31.80 16.80 17.39
N THR D 54 -30.62 16.91 18.02
CA THR D 54 -29.58 15.90 17.94
C THR D 54 -29.06 15.58 19.34
N VAL D 55 -28.80 14.29 19.58
CA VAL D 55 -28.22 13.84 20.84
C VAL D 55 -26.92 13.09 20.57
N VAL D 56 -25.85 13.51 21.23
CA VAL D 56 -24.59 12.78 21.22
C VAL D 56 -24.36 12.17 22.60
N SER D 57 -23.95 10.90 22.62
CA SER D 57 -23.75 10.20 23.89
C SER D 57 -22.28 9.91 24.19
N SER D 58 -21.94 10.01 25.47
CA SER D 58 -20.59 9.74 25.96
C SER D 58 -20.34 8.29 26.37
N SER D 59 -21.39 7.47 26.41
CA SER D 59 -21.23 6.05 26.72
C SER D 59 -22.30 5.18 26.08
N GLU D 60 -21.98 3.92 25.88
CA GLU D 60 -22.93 2.92 25.40
C GLU D 60 -24.08 2.76 26.39
N ASP D 61 -23.76 2.82 27.68
CA ASP D 61 -24.74 2.82 28.76
C ASP D 61 -25.78 3.94 28.63
N SER D 62 -25.31 5.15 28.31
CA SER D 62 -26.21 6.30 28.11
C SER D 62 -27.00 6.20 26.82
N THR D 63 -26.38 5.64 25.78
CA THR D 63 -27.04 5.42 24.49
C THR D 63 -28.24 4.46 24.59
N ARG D 64 -28.09 3.38 25.35
CA ARG D 64 -29.19 2.44 25.58
C ARG D 64 -30.36 3.14 26.28
N LYS D 65 -30.05 3.94 27.30
CA LYS D 65 -31.05 4.69 28.05
C LYS D 65 -31.75 5.76 27.18
N LEU D 66 -30.95 6.49 26.41
CA LEU D 66 -31.47 7.53 25.52
C LEU D 66 -32.37 6.98 24.41
N LYS D 67 -32.02 5.80 23.88
CA LYS D 67 -32.83 5.14 22.85
C LYS D 67 -34.06 4.44 23.42
N ALA D 68 -33.99 4.07 24.70
CA ALA D 68 -35.14 3.51 25.40
C ALA D 68 -36.23 4.56 25.61
N LEU D 69 -35.83 5.84 25.59
CA LEU D 69 -36.75 6.97 25.69
C LEU D 69 -37.01 7.62 24.34
N GLY D 70 -36.63 6.93 23.27
CA GLY D 70 -36.98 7.34 21.91
C GLY D 70 -36.22 8.51 21.31
N PHE D 71 -35.07 8.85 21.89
CA PHE D 71 -34.20 9.87 21.30
C PHE D 71 -33.31 9.25 20.22
N ASP D 72 -33.03 10.02 19.18
CA ASP D 72 -32.09 9.59 18.15
C ASP D 72 -30.67 9.96 18.55
N VAL D 73 -29.88 8.93 18.87
CA VAL D 73 -28.48 9.11 19.26
C VAL D 73 -27.63 9.15 18.00
N VAL D 74 -26.85 10.23 17.88
CA VAL D 74 -26.09 10.53 16.67
C VAL D 74 -24.59 10.57 16.97
N ASP D 75 -23.82 9.81 16.20
CA ASP D 75 -22.36 9.80 16.28
C ASP D 75 -21.78 11.20 16.11
N LEU D 76 -20.78 11.54 16.93
CA LEU D 76 -20.22 12.89 16.97
C LEU D 76 -19.63 13.36 15.63
N ASN D 77 -19.17 12.40 14.82
CA ASN D 77 -18.57 12.71 13.52
C ASN D 77 -19.52 13.38 12.52
N TYR D 78 -20.78 12.97 12.50
CA TYR D 78 -21.77 13.67 11.68
C TYR D 78 -22.64 14.69 12.44
N ALA D 79 -22.56 14.69 13.77
CA ALA D 79 -23.15 15.78 14.56
C ALA D 79 -22.30 17.05 14.47
N GLY D 80 -20.97 16.88 14.48
CA GLY D 80 -20.04 17.98 14.28
C GLY D 80 -19.62 18.64 15.58
N GLU D 81 -20.46 19.54 16.07
CA GLU D 81 -20.16 20.32 17.26
C GLU D 81 -21.34 20.24 18.22
N ILE D 82 -21.06 19.92 19.48
CA ILE D 82 -22.10 19.89 20.52
C ILE D 82 -22.39 21.31 20.99
N ASP D 83 -23.67 21.67 21.06
CA ASP D 83 -24.08 22.97 21.60
C ASP D 83 -24.02 23.00 23.12
N LEU D 84 -24.59 21.97 23.75
CA LEU D 84 -24.68 21.88 25.20
C LEU D 84 -24.34 20.48 25.71
N TYR D 85 -23.28 20.37 26.49
CA TYR D 85 -22.91 19.09 27.11
C TYR D 85 -23.15 19.15 28.62
N ILE D 86 -23.91 18.18 29.12
CA ILE D 86 -24.23 18.09 30.54
C ILE D 86 -23.75 16.75 31.09
N ASP D 87 -22.98 16.80 32.18
CA ASP D 87 -22.35 15.63 32.78
C ASP D 87 -22.05 15.90 34.25
N GLY D 88 -21.79 14.83 35.01
CA GLY D 88 -21.38 14.92 36.40
C GLY D 88 -19.87 14.86 36.57
N ALA D 89 -19.42 14.78 37.82
CA ALA D 89 -18.00 14.68 38.10
C ALA D 89 -17.76 13.95 39.40
N ASP D 90 -16.54 13.47 39.60
CA ASP D 90 -16.16 12.87 40.87
C ASP D 90 -15.67 13.94 41.86
N GLU D 91 -15.01 14.96 41.34
CA GLU D 91 -14.53 16.10 42.13
C GLU D 91 -14.56 17.36 41.29
N CYS D 92 -14.84 18.48 41.95
CA CYS D 92 -14.81 19.78 41.33
C CYS D 92 -14.09 20.70 42.29
N ASN D 93 -13.04 21.39 41.83
CA ASN D 93 -12.33 22.36 42.69
C ASN D 93 -12.92 23.77 42.57
N ASN D 94 -12.18 24.79 42.97
CA ASN D 94 -12.68 26.17 42.91
C ASN D 94 -12.56 26.85 41.55
N HIS D 95 -11.94 26.19 40.57
CA HIS D 95 -11.78 26.77 39.24
C HIS D 95 -12.51 25.96 38.16
N LYS D 96 -13.52 25.20 38.60
CA LYS D 96 -14.34 24.36 37.73
C LYS D 96 -13.51 23.33 36.96
N GLU D 97 -12.39 22.96 37.58
CA GLU D 97 -11.52 21.91 37.11
C GLU D 97 -11.96 20.64 37.85
N LEU D 98 -12.04 19.54 37.11
CA LEU D 98 -12.72 18.33 37.59
C LEU D 98 -11.82 17.10 37.64
N ILE D 99 -12.20 16.16 38.48
CA ILE D 99 -11.75 14.78 38.30
C ILE D 99 -12.96 14.01 37.81
N LYS D 100 -12.79 13.28 36.70
CA LYS D 100 -13.84 12.45 36.14
C LYS D 100 -13.31 11.09 35.76
N GLY D 101 -14.23 10.11 35.64
CA GLY D 101 -13.87 8.79 35.17
C GLY D 101 -14.14 7.66 36.14
N GLY D 102 -14.76 7.99 37.27
CA GLY D 102 -15.23 6.99 38.25
C GLY D 102 -16.17 5.96 37.64
N GLY D 103 -16.98 6.38 36.68
CA GLY D 103 -17.84 5.47 35.90
C GLY D 103 -17.19 4.88 34.65
N ALA D 104 -15.89 5.14 34.45
CA ALA D 104 -15.07 4.54 33.37
C ALA D 104 -15.33 5.09 31.95
N ALA D 105 -16.07 6.19 31.85
CA ALA D 105 -16.43 6.76 30.55
C ALA D 105 -15.67 8.05 30.23
N LEU D 106 -14.58 8.29 30.96
CA LEU D 106 -13.81 9.55 30.83
C LEU D 106 -13.37 9.92 29.41
N THR D 107 -12.92 8.94 28.62
CA THR D 107 -12.43 9.21 27.26
C THR D 107 -13.48 9.85 26.34
N ARG D 108 -14.63 9.21 26.19
CA ARG D 108 -15.68 9.78 25.36
C ARG D 108 -16.28 11.06 25.96
N GLU D 109 -16.33 11.13 27.29
CA GLU D 109 -16.80 12.32 27.99
C GLU D 109 -15.86 13.49 27.69
N LYS D 110 -14.56 13.23 27.78
CA LYS D 110 -13.57 14.27 27.50
C LYS D 110 -13.62 14.75 26.06
N ILE D 111 -13.88 13.81 25.14
CA ILE D 111 -14.03 14.11 23.71
C ILE D 111 -15.27 14.99 23.49
N CYS D 112 -16.40 14.60 24.09
CA CYS D 112 -17.63 15.42 24.07
C CYS D 112 -17.43 16.84 24.59
N VAL D 113 -16.71 16.98 25.70
CA VAL D 113 -16.37 18.30 26.27
C VAL D 113 -15.55 19.13 25.28
N ALA D 114 -14.49 18.53 24.72
CA ALA D 114 -13.67 19.18 23.70
C ALA D 114 -14.51 19.71 22.53
N ALA D 115 -15.51 18.94 22.13
CA ALA D 115 -16.35 19.29 20.98
C ALA D 115 -17.58 20.12 21.35
N ALA D 116 -17.68 20.51 22.63
CA ALA D 116 -18.87 21.21 23.13
C ALA D 116 -18.66 22.73 23.29
N LYS D 117 -19.65 23.50 22.85
CA LYS D 117 -19.63 24.97 22.99
C LYS D 117 -19.78 25.40 24.44
N LYS D 118 -20.67 24.71 25.17
CA LYS D 118 -20.87 24.92 26.60
C LYS D 118 -20.88 23.58 27.32
N PHE D 119 -20.09 23.50 28.38
CA PHE D 119 -20.09 22.33 29.26
C PHE D 119 -20.68 22.71 30.63
N ILE D 120 -21.83 22.12 30.96
CA ILE D 120 -22.43 22.26 32.27
C ILE D 120 -22.17 21.00 33.08
N CYS D 121 -21.53 21.18 34.23
CA CYS D 121 -21.26 20.09 35.14
C CYS D 121 -22.28 20.11 36.29
N ILE D 122 -22.90 18.97 36.54
CA ILE D 122 -23.89 18.85 37.62
C ILE D 122 -23.38 17.97 38.76
N ILE D 123 -23.32 18.55 39.95
CA ILE D 123 -22.82 17.86 41.15
C ILE D 123 -23.68 18.13 42.37
N ASP D 124 -23.64 17.20 43.31
CA ASP D 124 -24.08 17.47 44.68
C ASP D 124 -22.85 17.95 45.47
N GLU D 125 -23.10 18.51 46.64
CA GLU D 125 -22.06 19.19 47.41
C GLU D 125 -20.89 18.29 47.86
N SER D 126 -21.09 16.98 47.87
CA SER D 126 -20.05 16.05 48.29
C SER D 126 -18.90 15.97 47.29
N LYS D 127 -19.14 16.42 46.06
CA LYS D 127 -18.09 16.44 45.03
C LYS D 127 -17.25 17.72 45.09
N LYS D 128 -17.67 18.69 45.90
CA LYS D 128 -16.98 19.98 45.92
C LYS D 128 -15.77 19.94 46.85
N VAL D 129 -14.60 20.21 46.28
CA VAL D 129 -13.34 20.14 47.01
C VAL D 129 -12.54 21.42 46.79
N ASN D 130 -11.49 21.62 47.58
CA ASN D 130 -10.59 22.75 47.37
C ASN D 130 -9.34 22.37 46.57
N THR D 131 -8.87 21.14 46.79
CA THR D 131 -7.73 20.58 46.06
C THR D 131 -8.15 19.22 45.52
N LEU D 132 -7.99 19.03 44.21
CA LEU D 132 -8.30 17.75 43.57
C LEU D 132 -7.30 16.66 43.99
N GLY D 133 -7.77 15.43 44.08
CA GLY D 133 -6.88 14.29 44.22
C GLY D 133 -7.21 13.29 45.31
N ASN D 134 -8.05 13.66 46.27
CA ASN D 134 -8.42 12.73 47.34
C ASN D 134 -9.28 11.58 46.81
N PHE D 135 -10.19 11.91 45.89
CA PHE D 135 -10.80 10.89 45.05
C PHE D 135 -9.73 10.48 44.04
N PRO D 136 -9.49 9.16 43.90
CA PRO D 136 -8.42 8.69 43.01
C PRO D 136 -8.62 9.13 41.56
N LEU D 137 -7.55 9.58 40.93
CA LEU D 137 -7.59 10.00 39.54
C LEU D 137 -7.62 8.79 38.61
N PRO D 138 -8.71 8.64 37.84
CA PRO D 138 -8.76 7.58 36.84
C PRO D 138 -7.99 7.96 35.57
N ILE D 139 -7.27 6.99 35.03
CA ILE D 139 -6.50 7.17 33.82
C ILE D 139 -6.81 5.98 32.91
N GLU D 140 -7.32 6.25 31.72
CA GLU D 140 -7.53 5.20 30.73
C GLU D 140 -6.25 4.94 29.97
N VAL D 141 -5.97 3.66 29.79
CA VAL D 141 -4.64 3.19 29.47
C VAL D 141 -4.74 2.04 28.45
N ILE D 142 -3.92 2.08 27.40
CA ILE D 142 -3.76 0.94 26.49
C ILE D 142 -3.31 -0.28 27.33
N PRO D 143 -4.06 -1.39 27.29
CA PRO D 143 -3.75 -2.54 28.15
C PRO D 143 -2.26 -2.95 28.23
N MET D 144 -1.56 -3.03 27.09
CA MET D 144 -0.18 -3.51 27.08
C MET D 144 0.79 -2.56 27.80
N ALA D 145 0.36 -1.33 27.99
CA ALA D 145 1.14 -0.26 28.61
C ALA D 145 0.88 -0.10 30.11
N ARG D 146 -0.04 -0.89 30.65
CA ARG D 146 -0.50 -0.75 32.05
C ARG D 146 0.61 -0.68 33.09
N SER D 147 1.52 -1.66 33.09
CA SER D 147 2.57 -1.74 34.11
C SER D 147 3.59 -0.62 33.91
N TYR D 148 3.95 -0.36 32.65
CA TYR D 148 4.88 0.71 32.32
C TYR D 148 4.36 2.04 32.84
N ILE D 149 3.07 2.29 32.62
CA ILE D 149 2.44 3.54 33.04
C ILE D 149 2.33 3.63 34.55
N ALA D 150 1.98 2.51 35.19
CA ALA D 150 1.98 2.46 36.65
C ALA D 150 3.32 2.95 37.24
N ARG D 151 4.43 2.50 36.66
N ARG D 151 4.43 2.51 36.66
CA ARG D 151 5.78 2.89 37.09
CA ARG D 151 5.78 2.90 37.13
C ARG D 151 6.03 4.39 36.96
C ARG D 151 6.10 4.38 36.93
N GLN D 152 5.62 4.95 35.83
CA GLN D 152 5.76 6.40 35.55
C GLN D 152 4.94 7.23 36.52
N ILE D 153 3.74 6.75 36.84
CA ILE D 153 2.85 7.41 37.80
C ILE D 153 3.47 7.49 39.21
N VAL D 154 4.17 6.42 39.60
CA VAL D 154 4.91 6.39 40.87
C VAL D 154 5.97 7.51 40.96
N LYS D 155 6.64 7.78 39.84
CA LYS D 155 7.64 8.87 39.78
C LYS D 155 7.00 10.25 39.91
N LEU D 156 5.71 10.34 39.59
CA LEU D 156 4.95 11.57 39.74
C LEU D 156 4.36 11.70 41.16
N GLY D 157 4.68 10.75 42.03
CA GLY D 157 4.18 10.77 43.41
C GLY D 157 2.82 10.12 43.59
N GLY D 158 2.37 9.35 42.59
CA GLY D 158 1.08 8.69 42.66
C GLY D 158 1.12 7.24 43.09
N GLN D 159 -0.03 6.72 43.49
CA GLN D 159 -0.18 5.32 43.88
C GLN D 159 -1.21 4.65 42.96
N PRO D 160 -0.72 4.02 41.87
CA PRO D 160 -1.62 3.49 40.85
C PRO D 160 -2.22 2.13 41.27
N VAL D 161 -3.52 1.98 41.05
CA VAL D 161 -4.20 0.72 41.32
C VAL D 161 -5.03 0.35 40.10
N TYR D 162 -4.72 -0.78 39.49
CA TYR D 162 -5.51 -1.31 38.37
C TYR D 162 -6.95 -1.59 38.81
N ARG D 163 -7.91 -0.97 38.11
CA ARG D 163 -9.32 -1.23 38.41
C ARG D 163 -9.73 -2.59 37.87
N GLU D 164 -9.92 -3.53 38.80
CA GLU D 164 -10.18 -4.94 38.52
C GLU D 164 -11.42 -5.17 37.65
N GLN D 165 -11.31 -6.08 36.69
CA GLN D 165 -12.44 -6.55 35.87
C GLN D 165 -13.25 -5.44 35.20
N THR D 166 -12.55 -4.41 34.72
CA THR D 166 -13.19 -3.26 34.08
C THR D 166 -12.53 -3.01 32.73
N ILE D 167 -13.35 -3.02 31.69
CA ILE D 167 -12.93 -2.64 30.35
C ILE D 167 -13.83 -1.49 29.92
N THR D 168 -13.22 -0.44 29.36
CA THR D 168 -13.99 0.70 28.89
C THR D 168 -14.69 0.41 27.56
N ASP D 169 -15.62 1.27 27.17
CA ASP D 169 -16.27 1.20 25.86
C ASP D 169 -15.25 1.14 24.72
N ASN D 170 -14.04 1.65 24.98
CA ASN D 170 -12.96 1.72 23.99
C ASN D 170 -12.00 0.53 24.04
N GLY D 171 -12.31 -0.45 24.89
CA GLY D 171 -11.52 -1.66 25.03
C GLY D 171 -10.27 -1.52 25.89
N ASN D 172 -10.21 -0.45 26.68
CA ASN D 172 -9.02 -0.14 27.48
C ASN D 172 -9.21 -0.42 28.97
N VAL D 173 -8.12 -0.37 29.73
CA VAL D 173 -8.18 -0.55 31.18
C VAL D 173 -7.98 0.80 31.89
N ILE D 174 -8.31 0.82 33.18
CA ILE D 174 -8.22 2.02 34.02
C ILE D 174 -7.23 1.79 35.16
N LEU D 175 -6.38 2.78 35.37
CA LEU D 175 -5.64 2.90 36.61
C LEU D 175 -6.21 4.03 37.44
N ASP D 176 -6.52 3.74 38.69
CA ASP D 176 -6.95 4.75 39.65
C ASP D 176 -5.73 5.15 40.49
N VAL D 177 -5.45 6.44 40.55
CA VAL D 177 -4.23 6.96 41.17
C VAL D 177 -4.53 7.70 42.47
N TYR D 178 -4.03 7.16 43.58
CA TYR D 178 -4.19 7.75 44.90
C TYR D 178 -2.99 8.61 45.28
N ASN D 179 -3.18 9.44 46.31
CA ASN D 179 -2.12 10.19 46.99
C ASN D 179 -1.67 11.48 46.30
N LEU D 180 -2.24 11.77 45.14
CA LEU D 180 -1.92 13.01 44.44
C LEU D 180 -2.62 14.19 45.11
N LYS D 181 -1.88 15.27 45.35
CA LYS D 181 -2.47 16.55 45.74
C LYS D 181 -2.35 17.48 44.55
N ILE D 182 -3.41 17.50 43.73
CA ILE D 182 -3.36 18.15 42.44
C ILE D 182 -3.61 19.66 42.59
N ASP D 183 -2.60 20.36 43.10
CA ASP D 183 -2.63 21.80 43.29
C ASP D 183 -2.50 22.57 41.97
N ASN D 184 -1.88 21.94 40.96
CA ASN D 184 -1.82 22.50 39.62
C ASN D 184 -2.38 21.52 38.57
N PRO D 185 -3.72 21.44 38.46
CA PRO D 185 -4.36 20.48 37.56
C PRO D 185 -3.99 20.64 36.08
N LEU D 186 -3.79 21.88 35.64
CA LEU D 186 -3.36 22.17 34.28
C LEU D 186 -2.00 21.57 33.97
N LYS D 187 -1.08 21.68 34.93
CA LYS D 187 0.27 21.13 34.78
C LYS D 187 0.25 19.60 34.76
N LEU D 188 -0.44 19.00 35.73
CA LEU D 188 -0.51 17.54 35.82
C LEU D 188 -1.23 16.91 34.62
N GLU D 189 -2.35 17.53 34.19
CA GLU D 189 -3.07 17.04 33.01
C GLU D 189 -2.16 17.02 31.77
N THR D 190 -1.38 18.08 31.60
CA THR D 190 -0.41 18.20 30.51
C THR D 190 0.66 17.12 30.59
N GLU D 191 1.25 16.91 31.77
CA GLU D 191 2.31 15.91 31.89
C GLU D 191 1.81 14.45 31.78
N LEU D 192 0.60 14.17 32.24
CA LEU D 192 0.01 12.84 32.04
C LEU D 192 -0.33 12.55 30.56
N ASN D 193 -0.69 13.59 29.82
CA ASN D 193 -0.90 13.48 28.37
C ASN D 193 0.36 13.06 27.62
N GLN D 194 1.51 13.29 28.23
CA GLN D 194 2.81 12.98 27.63
C GLN D 194 3.23 11.52 27.82
N ILE D 195 2.54 10.79 28.68
CA ILE D 195 2.93 9.41 28.99
C ILE D 195 2.40 8.47 27.91
N THR D 196 3.32 7.76 27.25
CA THR D 196 2.98 6.81 26.20
C THR D 196 2.06 5.70 26.68
N GLY D 197 0.92 5.54 25.99
CA GLY D 197 -0.05 4.52 26.31
C GLY D 197 -1.27 5.07 27.02
N VAL D 198 -1.15 6.29 27.55
CA VAL D 198 -2.29 6.97 28.15
C VAL D 198 -3.24 7.40 27.05
N VAL D 199 -4.50 7.00 27.18
CA VAL D 199 -5.54 7.36 26.22
C VAL D 199 -6.12 8.70 26.68
N THR D 200 -6.59 8.73 27.93
CA THR D 200 -7.15 9.91 28.57
C THR D 200 -6.86 9.82 30.06
N ASN D 201 -6.51 10.95 30.67
CA ASN D 201 -6.50 11.07 32.12
C ASN D 201 -7.74 11.84 32.59
N GLY D 202 -8.17 11.62 33.82
CA GLY D 202 -9.44 12.17 34.29
C GLY D 202 -9.45 13.59 34.83
N ILE D 203 -8.35 14.33 34.64
CA ILE D 203 -8.30 15.74 34.98
C ILE D 203 -8.92 16.52 33.82
N PHE D 204 -10.00 17.23 34.12
CA PHE D 204 -10.65 18.13 33.15
C PHE D 204 -10.33 19.57 33.57
N ALA D 205 -9.18 20.07 33.14
CA ALA D 205 -8.70 21.39 33.57
C ALA D 205 -8.28 22.30 32.42
N LEU D 206 -7.57 21.75 31.43
CA LEU D 206 -7.20 22.52 30.24
C LEU D 206 -8.44 23.02 29.50
N LYS D 207 -9.51 22.22 29.53
CA LYS D 207 -10.84 22.66 29.15
C LYS D 207 -11.77 22.37 30.33
N PRO D 208 -11.91 23.35 31.24
CA PRO D 208 -12.70 23.14 32.45
C PRO D 208 -14.20 23.23 32.14
N ALA D 209 -15.05 22.98 33.13
CA ALA D 209 -16.47 23.25 32.96
C ALA D 209 -16.71 24.76 32.82
N ASP D 210 -17.69 25.11 31.99
CA ASP D 210 -18.08 26.50 31.82
C ASP D 210 -19.00 26.93 32.96
N THR D 211 -19.91 26.03 33.32
CA THR D 211 -20.81 26.25 34.44
C THR D 211 -20.82 24.99 35.30
N VAL D 212 -20.87 25.18 36.61
CA VAL D 212 -21.11 24.08 37.52
C VAL D 212 -22.39 24.39 38.30
N ILE D 213 -23.29 23.44 38.32
CA ILE D 213 -24.51 23.55 39.10
C ILE D 213 -24.40 22.59 40.27
N MET D 214 -24.40 23.14 41.48
CA MET D 214 -24.19 22.38 42.71
C MET D 214 -25.40 22.39 43.63
N ALA D 215 -25.87 21.20 43.96
CA ALA D 215 -26.94 21.05 44.94
C ALA D 215 -26.31 20.91 46.32
N THR D 216 -26.60 21.87 47.20
CA THR D 216 -26.04 21.87 48.54
C THR D 216 -26.83 20.95 49.47
N LYS D 217 -26.23 20.62 50.60
CA LYS D 217 -26.80 19.69 51.58
C LYS D 217 -28.16 20.13 52.15
N ASP D 218 -28.45 21.44 52.07
CA ASP D 218 -29.75 21.95 52.48
C ASP D 218 -30.69 22.21 51.27
N SER D 219 -30.43 21.49 50.18
CA SER D 219 -31.30 21.46 48.98
C SER D 219 -31.42 22.79 48.22
N ASN D 220 -30.36 23.60 48.28
CA ASN D 220 -30.29 24.84 47.51
C ASN D 220 -29.40 24.64 46.28
N ILE D 221 -29.53 25.51 45.30
CA ILE D 221 -28.68 25.45 44.12
C ILE D 221 -27.71 26.61 44.09
N VAL D 222 -26.43 26.27 44.03
CA VAL D 222 -25.34 27.23 43.90
C VAL D 222 -24.73 27.07 42.51
N VAL D 223 -24.63 28.19 41.79
CA VAL D 223 -24.07 28.18 40.45
C VAL D 223 -22.65 28.75 40.49
N LEU D 224 -21.70 27.95 39.99
CA LEU D 224 -20.30 28.36 39.84
C LEU D 224 -19.99 28.67 38.38
NA NA E . -3.03 10.06 24.54
P PO4 F . 9.54 -0.38 6.81
O1 PO4 F . 10.78 -1.06 7.29
O2 PO4 F . 8.85 0.30 7.97
O3 PO4 F . 8.64 -1.41 6.19
O4 PO4 F . 9.90 0.66 5.78
NA NA G . 6.31 -7.45 -21.96
P PO4 H . 14.18 -20.91 -40.15
O1 PO4 H . 13.89 -20.37 -38.76
O2 PO4 H . 15.62 -20.62 -40.50
O3 PO4 H . 13.94 -22.40 -40.14
O4 PO4 H . 13.27 -20.25 -41.16
C1 PEG I . -14.39 -3.63 -19.47
O1 PEG I . -15.03 -4.89 -19.21
C2 PEG I . -13.00 -3.85 -20.05
O2 PEG I . -12.79 -3.03 -21.20
C3 PEG I . -12.43 -3.80 -22.36
C4 PEG I . -12.57 -2.97 -23.62
O4 PEG I . -13.38 -3.66 -24.58
C1 PEG J . -17.12 11.87 -19.21
O1 PEG J . -18.24 11.16 -18.68
C2 PEG J . -17.06 11.74 -20.73
O2 PEG J . -18.14 12.42 -21.35
C3 PEG J . -18.01 12.46 -22.78
C4 PEG J . -19.36 12.26 -23.47
O4 PEG J . -19.36 11.03 -24.21
C1 PEG K . -19.71 7.33 -13.36
O1 PEG K . -18.53 8.13 -13.51
C2 PEG K . -19.48 5.93 -13.89
O2 PEG K . -19.86 5.86 -15.27
C3 PEG K . -20.62 4.69 -15.58
C4 PEG K . -21.64 5.01 -16.67
O4 PEG K . -22.73 4.08 -16.63
C1 PEG L . -8.81 -5.14 2.50
O1 PEG L . -8.96 -4.35 3.70
C2 PEG L . -9.06 -4.26 1.28
O2 PEG L . -9.52 -5.05 0.19
C3 PEG L . -9.10 -4.56 -1.09
C4 PEG L . -10.12 -3.56 -1.64
O4 PEG L . -9.47 -2.30 -1.87
C3 3GR M . -17.66 9.86 36.26
O3 3GR M . -17.14 11.13 35.83
C2 3GR M . -18.44 10.02 37.57
O2 3GR M . -19.22 11.22 37.53
C1 3GR M . -19.35 8.79 37.84
O1 3GR M . -20.24 8.44 37.05
P PO4 N . -22.07 10.68 39.53
O1 PO4 N . -20.67 10.87 40.07
O2 PO4 N . -22.25 9.24 39.11
O3 PO4 N . -23.08 11.00 40.60
O4 PO4 N . -22.27 11.59 38.35
#